data_2KIR
#
_entry.id   2KIR
#
_entity_poly.entity_id   1
_entity_poly.type   'polypeptide(L)'
_entity_poly.pdbx_seq_one_letter_code
;INVKCSLPQQCIKPCKDAGMRFGKCMNKKCRCYS
;
_entity_poly.pdbx_strand_id   A
#
# COMPACT_ATOMS: atom_id res chain seq x y z
N ILE A 1 -1.35 -9.10 -7.57
CA ILE A 1 -0.78 -9.99 -6.57
C ILE A 1 -1.57 -9.92 -5.26
N ASN A 2 -1.76 -11.08 -4.63
CA ASN A 2 -2.50 -11.14 -3.37
C ASN A 2 -1.68 -10.56 -2.23
N VAL A 3 -2.04 -9.36 -1.78
CA VAL A 3 -1.33 -8.70 -0.70
C VAL A 3 -2.30 -8.28 0.41
N LYS A 4 -1.85 -8.36 1.65
CA LYS A 4 -2.67 -7.99 2.80
C LYS A 4 -3.19 -6.56 2.65
N CYS A 5 -4.03 -6.15 3.59
CA CYS A 5 -4.60 -4.80 3.56
C CYS A 5 -4.25 -4.04 4.84
N SER A 6 -4.05 -2.73 4.71
CA SER A 6 -3.71 -1.90 5.85
C SER A 6 -3.68 -0.42 5.44
N LEU A 7 -3.75 0.45 6.44
CA LEU A 7 -3.73 1.89 6.19
C LEU A 7 -2.50 2.28 5.38
N PRO A 8 -2.56 3.45 4.73
CA PRO A 8 -1.46 3.98 3.91
C PRO A 8 -0.27 4.41 4.76
N GLN A 9 -0.49 4.56 6.06
CA GLN A 9 0.57 4.97 6.97
C GLN A 9 1.51 3.81 7.28
N GLN A 10 0.98 2.59 7.16
CA GLN A 10 1.77 1.40 7.42
C GLN A 10 1.88 0.52 6.18
N CYS A 11 1.79 1.16 5.01
CA CYS A 11 1.88 0.45 3.73
C CYS A 11 3.13 0.86 2.96
N ILE A 12 4.10 1.42 3.68
CA ILE A 12 5.35 1.85 3.06
C ILE A 12 6.18 0.66 2.61
N LYS A 13 6.15 -0.41 3.40
CA LYS A 13 6.90 -1.62 3.09
C LYS A 13 6.53 -2.15 1.71
N PRO A 14 5.23 -2.48 1.53
CA PRO A 14 4.72 -3.00 0.26
C PRO A 14 4.70 -1.94 -0.84
N CYS A 15 4.97 -0.69 -0.45
CA CYS A 15 4.99 0.41 -1.41
C CYS A 15 6.32 1.13 -1.38
N LYS A 16 7.39 0.38 -1.13
CA LYS A 16 8.73 0.94 -1.08
C LYS A 16 9.36 1.00 -2.47
N ASP A 17 9.29 -0.12 -3.19
CA ASP A 17 9.85 -0.19 -4.53
C ASP A 17 9.20 0.86 -5.44
N ALA A 18 7.91 1.10 -5.23
CA ALA A 18 7.19 2.07 -6.04
C ALA A 18 7.63 3.50 -5.71
N GLY A 19 8.17 3.68 -4.51
CA GLY A 19 8.62 5.00 -4.10
C GLY A 19 7.48 5.92 -3.73
N MET A 20 6.32 5.33 -3.43
CA MET A 20 5.15 6.11 -3.07
C MET A 20 5.05 6.27 -1.55
N ARG A 21 4.11 7.09 -1.10
CA ARG A 21 3.92 7.33 0.32
C ARG A 21 2.49 7.02 0.75
N PHE A 22 1.52 7.55 0.00
CA PHE A 22 0.11 7.32 0.30
C PHE A 22 -0.31 5.91 -0.11
N GLY A 23 -1.60 5.61 0.06
CA GLY A 23 -2.10 4.30 -0.30
C GLY A 23 -3.60 4.18 -0.09
N LYS A 24 -4.16 3.05 -0.48
CA LYS A 24 -5.59 2.82 -0.33
C LYS A 24 -5.88 1.34 -0.06
N CYS A 25 -6.57 1.07 1.04
CA CYS A 25 -6.91 -0.31 1.42
C CYS A 25 -8.30 -0.68 0.91
N MET A 26 -8.38 -1.73 0.12
CA MET A 26 -9.66 -2.19 -0.43
C MET A 26 -9.50 -3.57 -1.07
N ASN A 27 -10.59 -4.33 -1.08
CA ASN A 27 -10.59 -5.67 -1.66
C ASN A 27 -9.48 -6.52 -1.04
N LYS A 28 -9.29 -6.37 0.27
CA LYS A 28 -8.27 -7.13 0.98
C LYS A 28 -6.90 -6.91 0.37
N LYS A 29 -6.70 -5.74 -0.23
CA LYS A 29 -5.42 -5.40 -0.85
C LYS A 29 -5.07 -3.93 -0.63
N CYS A 30 -3.79 -3.64 -0.51
CA CYS A 30 -3.32 -2.28 -0.30
C CYS A 30 -2.68 -1.70 -1.57
N ARG A 31 -3.21 -0.59 -2.03
CA ARG A 31 -2.70 0.05 -3.24
C ARG A 31 -1.74 1.19 -2.88
N CYS A 32 -0.72 1.39 -3.71
CA CYS A 32 0.26 2.44 -3.48
C CYS A 32 -0.11 3.71 -4.26
N TYR A 33 -0.11 4.83 -3.56
CA TYR A 33 -0.45 6.11 -4.18
C TYR A 33 0.61 7.16 -3.88
N SER A 34 0.90 8.00 -4.87
CA SER A 34 1.90 9.05 -4.70
C SER A 34 1.62 9.89 -3.46
N ILE A 1 -1.01 -8.72 -7.70
CA ILE A 1 -0.35 -9.59 -6.74
C ILE A 1 -1.11 -9.63 -5.42
N ASN A 2 -1.21 -10.83 -4.85
CA ASN A 2 -1.92 -11.02 -3.59
C ASN A 2 -1.12 -10.43 -2.43
N VAL A 3 -1.54 -9.26 -1.95
CA VAL A 3 -0.87 -8.59 -0.84
C VAL A 3 -1.86 -8.20 0.25
N LYS A 4 -1.42 -8.28 1.50
CA LYS A 4 -2.27 -7.94 2.63
C LYS A 4 -2.83 -6.53 2.49
N CYS A 5 -3.69 -6.13 3.42
CA CYS A 5 -4.29 -4.81 3.40
C CYS A 5 -3.97 -4.04 4.68
N SER A 6 -3.79 -2.72 4.54
CA SER A 6 -3.48 -1.88 5.69
C SER A 6 -3.52 -0.41 5.30
N LEU A 7 -3.61 0.46 6.31
CA LEU A 7 -3.65 1.90 6.07
C LEU A 7 -2.44 2.35 5.25
N PRO A 8 -2.56 3.52 4.61
CA PRO A 8 -1.50 4.09 3.78
C PRO A 8 -0.31 4.57 4.62
N GLN A 9 -0.53 4.69 5.92
CA GLN A 9 0.53 5.13 6.83
C GLN A 9 1.53 4.01 7.08
N GLN A 10 1.07 2.77 6.95
CA GLN A 10 1.92 1.61 7.17
C GLN A 10 2.05 0.78 5.90
N CYS A 11 1.82 1.41 4.75
CA CYS A 11 1.90 0.73 3.47
C CYS A 11 3.17 1.13 2.73
N ILE A 12 4.10 1.76 3.45
CA ILE A 12 5.36 2.19 2.85
C ILE A 12 6.24 1.00 2.52
N LYS A 13 6.20 -0.02 3.37
CA LYS A 13 6.99 -1.22 3.16
C LYS A 13 6.71 -1.85 1.80
N PRO A 14 5.44 -2.21 1.58
CA PRO A 14 5.01 -2.83 0.32
C PRO A 14 5.02 -1.84 -0.84
N CYS A 15 5.24 -0.56 -0.52
CA CYS A 15 5.27 0.49 -1.54
C CYS A 15 6.63 1.19 -1.53
N LYS A 16 7.68 0.44 -1.22
CA LYS A 16 9.03 1.00 -1.19
C LYS A 16 9.62 1.09 -2.59
N ASP A 17 9.50 0.01 -3.35
CA ASP A 17 10.01 -0.04 -4.72
C ASP A 17 9.37 1.06 -5.57
N ALA A 18 8.15 1.43 -5.22
CA ALA A 18 7.43 2.45 -5.96
C ALA A 18 7.82 3.84 -5.49
N GLY A 19 8.33 3.93 -4.26
CA GLY A 19 8.73 5.21 -3.72
C GLY A 19 7.55 6.11 -3.38
N MET A 20 6.39 5.50 -3.20
CA MET A 20 5.18 6.25 -2.88
C MET A 20 4.95 6.30 -1.38
N ARG A 21 4.15 7.26 -0.94
CA ARG A 21 3.85 7.41 0.49
C ARG A 21 2.39 7.06 0.78
N PHE A 22 1.48 7.73 0.10
CA PHE A 22 0.05 7.50 0.29
C PHE A 22 -0.32 6.08 -0.13
N GLY A 23 -1.60 5.74 0.01
CA GLY A 23 -2.07 4.42 -0.37
C GLY A 23 -3.56 4.25 -0.16
N LYS A 24 -4.09 3.11 -0.61
CA LYS A 24 -5.51 2.83 -0.47
C LYS A 24 -5.75 1.35 -0.21
N CYS A 25 -6.43 1.04 0.90
CA CYS A 25 -6.72 -0.33 1.26
C CYS A 25 -8.10 -0.74 0.76
N MET A 26 -8.14 -1.82 -0.01
CA MET A 26 -9.40 -2.32 -0.56
C MET A 26 -9.20 -3.69 -1.20
N ASN A 27 -10.27 -4.49 -1.22
CA ASN A 27 -10.22 -5.83 -1.80
C ASN A 27 -9.09 -6.65 -1.17
N LYS A 28 -8.89 -6.47 0.13
CA LYS A 28 -7.85 -7.19 0.85
C LYS A 28 -6.48 -6.92 0.24
N LYS A 29 -6.33 -5.74 -0.36
CA LYS A 29 -5.06 -5.35 -0.97
C LYS A 29 -4.78 -3.87 -0.75
N CYS A 30 -3.50 -3.53 -0.61
CA CYS A 30 -3.10 -2.15 -0.39
C CYS A 30 -2.45 -1.57 -1.64
N ARG A 31 -3.00 -0.47 -2.14
CA ARG A 31 -2.47 0.17 -3.34
C ARG A 31 -1.56 1.33 -2.96
N CYS A 32 -0.53 1.56 -3.78
CA CYS A 32 0.42 2.64 -3.53
C CYS A 32 -0.03 3.92 -4.21
N TYR A 33 0.04 5.03 -3.49
CA TYR A 33 -0.36 6.32 -4.03
C TYR A 33 0.71 7.39 -3.76
N SER A 34 1.02 8.18 -4.79
CA SER A 34 2.02 9.23 -4.66
C SER A 34 1.70 10.15 -3.49
N ILE A 1 -0.83 -9.05 -7.60
CA ILE A 1 -0.20 -9.92 -6.63
C ILE A 1 -0.95 -9.91 -5.30
N ASN A 2 -0.96 -11.06 -4.62
CA ASN A 2 -1.64 -11.19 -3.34
C ASN A 2 -0.88 -10.45 -2.25
N VAL A 3 -1.37 -9.28 -1.86
CA VAL A 3 -0.74 -8.49 -0.82
C VAL A 3 -1.72 -8.17 0.31
N LYS A 4 -1.21 -8.14 1.53
CA LYS A 4 -2.05 -7.84 2.69
C LYS A 4 -2.65 -6.45 2.58
N CYS A 5 -3.51 -6.10 3.54
CA CYS A 5 -4.17 -4.80 3.56
C CYS A 5 -3.84 -4.04 4.84
N SER A 6 -3.76 -2.72 4.73
CA SER A 6 -3.46 -1.89 5.88
C SER A 6 -3.44 -0.40 5.48
N LEU A 7 -3.53 0.46 6.49
CA LEU A 7 -3.54 1.90 6.25
C LEU A 7 -2.30 2.33 5.46
N PRO A 8 -2.37 3.50 4.82
CA PRO A 8 -1.27 4.04 4.02
C PRO A 8 -0.08 4.48 4.89
N GLN A 9 -0.33 4.63 6.19
CA GLN A 9 0.70 5.03 7.12
C GLN A 9 1.66 3.89 7.43
N GLN A 10 1.14 2.66 7.32
CA GLN A 10 1.95 1.47 7.59
C GLN A 10 2.06 0.60 6.34
N CYS A 11 1.98 1.23 5.17
CA CYS A 11 2.07 0.50 3.90
C CYS A 11 3.29 0.96 3.10
N ILE A 12 4.27 1.53 3.80
CA ILE A 12 5.48 2.01 3.14
C ILE A 12 6.33 0.84 2.65
N LYS A 13 6.34 -0.25 3.41
CA LYS A 13 7.11 -1.44 3.04
C LYS A 13 6.71 -1.94 1.66
N PRO A 14 5.42 -2.29 1.51
CA PRO A 14 4.88 -2.78 0.24
C PRO A 14 4.81 -1.70 -0.83
N CYS A 15 5.07 -0.46 -0.43
CA CYS A 15 5.04 0.67 -1.35
C CYS A 15 6.38 1.40 -1.35
N LYS A 16 7.46 0.67 -1.11
CA LYS A 16 8.79 1.25 -1.07
C LYS A 16 9.40 1.29 -2.48
N ASP A 17 9.35 0.15 -3.17
CA ASP A 17 9.89 0.05 -4.52
C ASP A 17 9.21 1.06 -5.45
N ALA A 18 7.91 1.26 -5.25
CA ALA A 18 7.15 2.19 -6.06
C ALA A 18 7.54 3.63 -5.77
N GLY A 19 8.08 3.87 -4.57
CA GLY A 19 8.49 5.21 -4.18
C GLY A 19 7.32 6.09 -3.84
N MET A 20 6.18 5.47 -3.53
CA MET A 20 4.98 6.22 -3.18
C MET A 20 4.84 6.33 -1.66
N ARG A 21 4.15 7.39 -1.21
CA ARG A 21 3.95 7.62 0.21
C ARG A 21 2.53 7.22 0.62
N PHE A 22 1.55 7.83 -0.02
CA PHE A 22 0.15 7.55 0.28
C PHE A 22 -0.21 6.12 -0.10
N GLY A 23 -1.47 5.75 0.15
CA GLY A 23 -1.91 4.40 -0.17
C GLY A 23 -3.41 4.22 0.03
N LYS A 24 -3.92 3.07 -0.37
CA LYS A 24 -5.34 2.78 -0.23
C LYS A 24 -5.57 1.30 0.06
N CYS A 25 -6.25 1.00 1.16
CA CYS A 25 -6.53 -0.37 1.55
C CYS A 25 -7.92 -0.80 1.06
N MET A 26 -7.96 -1.82 0.22
CA MET A 26 -9.22 -2.32 -0.31
C MET A 26 -9.03 -3.65 -1.02
N ASN A 27 -10.10 -4.43 -1.13
CA ASN A 27 -10.04 -5.73 -1.79
C ASN A 27 -8.91 -6.58 -1.21
N LYS A 28 -8.76 -6.53 0.11
CA LYS A 28 -7.73 -7.29 0.79
C LYS A 28 -6.36 -7.05 0.15
N LYS A 29 -6.17 -5.84 -0.37
CA LYS A 29 -4.91 -5.47 -0.99
C LYS A 29 -4.53 -4.04 -0.65
N CYS A 30 -3.23 -3.74 -0.68
CA CYS A 30 -2.75 -2.40 -0.38
C CYS A 30 -2.28 -1.69 -1.64
N ARG A 31 -2.86 -0.52 -1.91
CA ARG A 31 -2.52 0.25 -3.09
C ARG A 31 -1.54 1.37 -2.74
N CYS A 32 -0.65 1.69 -3.67
CA CYS A 32 0.34 2.74 -3.46
C CYS A 32 0.00 3.98 -4.27
N TYR A 33 0.00 5.14 -3.59
CA TYR A 33 -0.32 6.40 -4.25
C TYR A 33 0.75 7.44 -3.96
N SER A 34 1.12 8.20 -4.98
CA SER A 34 2.15 9.23 -4.84
C SER A 34 1.75 10.24 -3.75
N ILE A 1 -1.30 -8.43 -7.59
CA ILE A 1 -0.70 -9.36 -6.65
C ILE A 1 -1.50 -9.43 -5.35
N ASN A 2 -1.65 -10.63 -4.82
CA ASN A 2 -2.40 -10.84 -3.59
C ASN A 2 -1.60 -10.32 -2.38
N VAL A 3 -2.01 -9.16 -1.88
CA VAL A 3 -1.34 -8.55 -0.73
C VAL A 3 -2.34 -8.15 0.34
N LYS A 4 -1.94 -8.29 1.60
CA LYS A 4 -2.81 -7.95 2.72
C LYS A 4 -3.30 -6.51 2.61
N CYS A 5 -4.17 -6.11 3.52
CA CYS A 5 -4.72 -4.76 3.53
C CYS A 5 -4.40 -4.05 4.84
N SER A 6 -4.17 -2.74 4.76
CA SER A 6 -3.85 -1.95 5.94
C SER A 6 -3.82 -0.46 5.60
N LEU A 7 -3.91 0.37 6.63
CA LEU A 7 -3.89 1.82 6.44
C LEU A 7 -2.66 2.26 5.66
N PRO A 8 -2.73 3.46 5.06
CA PRO A 8 -1.62 4.02 4.28
C PRO A 8 -0.44 4.41 5.15
N GLN A 9 -0.67 4.50 6.46
CA GLN A 9 0.37 4.88 7.39
C GLN A 9 1.32 3.72 7.64
N GLN A 10 0.83 2.50 7.44
CA GLN A 10 1.64 1.30 7.64
C GLN A 10 1.79 0.52 6.33
N CYS A 11 1.65 1.23 5.21
CA CYS A 11 1.78 0.60 3.90
C CYS A 11 3.03 1.10 3.17
N ILE A 12 3.92 1.74 3.92
CA ILE A 12 5.15 2.26 3.34
C ILE A 12 6.10 1.13 2.94
N LYS A 13 6.10 0.06 3.72
CA LYS A 13 6.95 -1.09 3.43
C LYS A 13 6.68 -1.64 2.04
N PRO A 14 5.42 -2.06 1.81
CA PRO A 14 4.99 -2.61 0.52
C PRO A 14 4.95 -1.55 -0.58
N CYS A 15 5.11 -0.29 -0.18
CA CYS A 15 5.09 0.81 -1.13
C CYS A 15 6.39 1.61 -1.08
N LYS A 16 7.47 0.93 -0.73
CA LYS A 16 8.78 1.58 -0.64
C LYS A 16 9.48 1.57 -1.99
N ASP A 17 9.52 0.40 -2.63
CA ASP A 17 10.16 0.27 -3.93
C ASP A 17 9.55 1.23 -4.94
N ALA A 18 8.27 1.56 -4.74
CA ALA A 18 7.57 2.47 -5.63
C ALA A 18 7.86 3.93 -5.27
N GLY A 19 8.25 4.16 -4.03
CA GLY A 19 8.56 5.51 -3.58
C GLY A 19 7.32 6.32 -3.28
N MET A 20 6.21 5.63 -3.03
CA MET A 20 4.94 6.29 -2.73
C MET A 20 4.88 6.73 -1.27
N ARG A 21 4.00 7.67 -0.97
CA ARG A 21 3.84 8.17 0.39
C ARG A 21 2.58 7.62 1.04
N PHE A 22 1.45 7.82 0.38
CA PHE A 22 0.17 7.33 0.90
C PHE A 22 -0.32 6.13 0.09
N GLY A 23 -1.52 5.66 0.41
CA GLY A 23 -2.08 4.52 -0.28
C GLY A 23 -3.58 4.40 -0.08
N LYS A 24 -4.12 3.24 -0.46
CA LYS A 24 -5.56 3.00 -0.31
C LYS A 24 -5.83 1.52 -0.05
N CYS A 25 -6.51 1.24 1.06
CA CYS A 25 -6.84 -0.13 1.43
C CYS A 25 -8.24 -0.51 0.94
N MET A 26 -8.31 -1.48 0.05
CA MET A 26 -9.59 -1.94 -0.50
C MET A 26 -9.44 -3.32 -1.14
N ASN A 27 -10.54 -4.06 -1.19
CA ASN A 27 -10.54 -5.40 -1.78
C ASN A 27 -9.47 -6.27 -1.12
N LYS A 28 -9.30 -6.11 0.18
CA LYS A 28 -8.32 -6.90 0.93
C LYS A 28 -6.92 -6.69 0.35
N LYS A 29 -6.68 -5.50 -0.21
CA LYS A 29 -5.39 -5.18 -0.79
C LYS A 29 -5.05 -3.70 -0.58
N CYS A 30 -3.76 -3.42 -0.43
CA CYS A 30 -3.31 -2.05 -0.23
C CYS A 30 -2.63 -1.50 -1.48
N ARG A 31 -3.14 -0.39 -1.99
CA ARG A 31 -2.59 0.23 -3.19
C ARG A 31 -1.66 1.39 -2.82
N CYS A 32 -0.63 1.57 -3.63
CA CYS A 32 0.34 2.64 -3.39
C CYS A 32 0.03 3.87 -4.25
N TYR A 33 0.13 5.04 -3.65
CA TYR A 33 -0.15 6.29 -4.34
C TYR A 33 0.67 7.44 -3.76
N SER A 34 1.05 8.39 -4.62
CA SER A 34 1.84 9.54 -4.19
C SER A 34 1.35 10.81 -4.87
N ILE A 1 -0.78 -9.33 -7.32
CA ILE A 1 -0.13 -10.16 -6.31
C ILE A 1 -0.93 -10.14 -5.01
N ASN A 2 -0.88 -11.25 -4.28
CA ASN A 2 -1.59 -11.35 -3.00
C ASN A 2 -0.90 -10.51 -1.93
N VAL A 3 -1.50 -9.38 -1.60
CA VAL A 3 -0.95 -8.48 -0.59
C VAL A 3 -1.98 -8.17 0.49
N LYS A 4 -1.52 -8.05 1.73
CA LYS A 4 -2.40 -7.75 2.85
C LYS A 4 -3.05 -6.37 2.68
N CYS A 5 -3.94 -6.03 3.60
CA CYS A 5 -4.62 -4.74 3.56
C CYS A 5 -4.36 -3.94 4.84
N SER A 6 -4.27 -2.63 4.69
CA SER A 6 -4.01 -1.74 5.82
C SER A 6 -3.96 -0.29 5.39
N LEU A 7 -4.10 0.62 6.35
CA LEU A 7 -4.07 2.05 6.06
C LEU A 7 -2.79 2.42 5.31
N PRO A 8 -2.83 3.58 4.63
CA PRO A 8 -1.69 4.08 3.85
C PRO A 8 -0.55 4.54 4.75
N GLN A 9 -0.83 4.72 6.03
CA GLN A 9 0.17 5.15 6.99
C GLN A 9 1.10 4.00 7.36
N GLN A 10 0.60 2.78 7.28
CA GLN A 10 1.38 1.59 7.59
C GLN A 10 1.51 0.67 6.39
N CYS A 11 1.49 1.27 5.20
CA CYS A 11 1.59 0.51 3.95
C CYS A 11 2.84 0.93 3.18
N ILE A 12 3.80 1.52 3.88
CA ILE A 12 5.04 1.97 3.24
C ILE A 12 5.89 0.78 2.80
N LYS A 13 5.90 -0.27 3.61
CA LYS A 13 6.67 -1.48 3.31
C LYS A 13 6.28 -2.04 1.95
N PRO A 14 4.98 -2.40 1.82
CA PRO A 14 4.45 -2.96 0.58
C PRO A 14 4.38 -1.93 -0.54
N CYS A 15 4.62 -0.67 -0.20
CA CYS A 15 4.59 0.41 -1.18
C CYS A 15 5.92 1.14 -1.23
N LYS A 16 7.00 0.41 -0.94
CA LYS A 16 8.34 0.98 -0.95
C LYS A 16 8.94 0.92 -2.35
N ASP A 17 8.66 -0.18 -3.06
CA ASP A 17 9.16 -0.36 -4.41
C ASP A 17 8.61 0.71 -5.35
N ALA A 18 7.44 1.23 -5.02
CA ALA A 18 6.80 2.26 -5.84
C ALA A 18 7.39 3.63 -5.53
N GLY A 19 7.95 3.79 -4.34
CA GLY A 19 8.54 5.06 -3.95
C GLY A 19 7.49 6.08 -3.53
N MET A 20 6.30 5.58 -3.18
CA MET A 20 5.21 6.46 -2.76
C MET A 20 5.01 6.38 -1.25
N ARG A 21 4.05 7.14 -0.74
CA ARG A 21 3.75 7.16 0.69
C ARG A 21 2.28 6.85 0.94
N PHE A 22 1.40 7.45 0.14
CA PHE A 22 -0.03 7.24 0.28
C PHE A 22 -0.41 5.82 -0.12
N GLY A 23 -1.71 5.54 -0.10
CA GLY A 23 -2.19 4.22 -0.46
C GLY A 23 -3.68 4.06 -0.27
N LYS A 24 -4.22 2.91 -0.67
CA LYS A 24 -5.64 2.64 -0.54
C LYS A 24 -5.89 1.16 -0.21
N CYS A 25 -6.58 0.93 0.90
CA CYS A 25 -6.88 -0.44 1.33
C CYS A 25 -8.25 -0.88 0.80
N MET A 26 -8.25 -1.92 -0.03
CA MET A 26 -9.49 -2.43 -0.59
C MET A 26 -9.28 -3.82 -1.20
N ASN A 27 -10.35 -4.60 -1.26
CA ASN A 27 -10.27 -5.95 -1.82
C ASN A 27 -9.17 -6.75 -1.15
N LYS A 28 -9.03 -6.58 0.16
CA LYS A 28 -8.01 -7.29 0.92
C LYS A 28 -6.63 -7.08 0.31
N LYS A 29 -6.42 -5.91 -0.29
CA LYS A 29 -5.14 -5.58 -0.92
C LYS A 29 -4.77 -4.13 -0.65
N CYS A 30 -3.48 -3.83 -0.74
CA CYS A 30 -2.99 -2.47 -0.52
C CYS A 30 -2.59 -1.82 -1.84
N ARG A 31 -3.19 -0.68 -2.14
CA ARG A 31 -2.89 0.04 -3.38
C ARG A 31 -1.91 1.19 -3.11
N CYS A 32 -1.07 1.47 -4.08
CA CYS A 32 -0.08 2.54 -3.96
C CYS A 32 -0.62 3.85 -4.55
N TYR A 33 -0.38 4.95 -3.85
CA TYR A 33 -0.83 6.25 -4.31
C TYR A 33 0.24 7.31 -4.12
N SER A 34 0.32 8.26 -5.05
CA SER A 34 1.31 9.32 -4.98
C SER A 34 0.68 10.63 -4.50
N ILE A 1 -1.21 -8.43 -7.51
CA ILE A 1 -0.57 -9.37 -6.59
C ILE A 1 -1.32 -9.44 -5.27
N ASN A 2 -1.38 -10.63 -4.69
CA ASN A 2 -2.06 -10.83 -3.41
C ASN A 2 -1.26 -10.22 -2.26
N VAL A 3 -1.70 -9.06 -1.79
CA VAL A 3 -1.03 -8.37 -0.69
C VAL A 3 -2.01 -8.00 0.41
N LYS A 4 -1.55 -8.07 1.65
CA LYS A 4 -2.39 -7.73 2.80
C LYS A 4 -2.98 -6.33 2.65
N CYS A 5 -3.83 -5.94 3.59
CA CYS A 5 -4.45 -4.62 3.58
C CYS A 5 -4.12 -3.85 4.85
N SER A 6 -3.96 -2.54 4.70
CA SER A 6 -3.64 -1.68 5.84
C SER A 6 -3.62 -0.21 5.42
N LEU A 7 -3.69 0.68 6.41
CA LEU A 7 -3.69 2.11 6.15
C LEU A 7 -2.46 2.50 5.33
N PRO A 8 -2.54 3.68 4.67
CA PRO A 8 -1.44 4.20 3.86
C PRO A 8 -0.24 4.63 4.69
N GLN A 9 -0.47 4.79 6.00
CA GLN A 9 0.59 5.21 6.90
C GLN A 9 1.56 4.06 7.19
N GLN A 10 1.07 2.84 7.03
CA GLN A 10 1.89 1.65 7.27
C GLN A 10 2.03 0.83 5.98
N CYS A 11 1.86 1.49 4.85
CA CYS A 11 1.98 0.81 3.55
C CYS A 11 3.28 1.19 2.86
N ILE A 12 4.19 1.79 3.61
CA ILE A 12 5.48 2.21 3.06
C ILE A 12 6.34 1.00 2.73
N LYS A 13 6.27 -0.02 3.57
CA LYS A 13 7.06 -1.24 3.36
C LYS A 13 6.77 -1.85 2.00
N PRO A 14 5.50 -2.19 1.76
CA PRO A 14 5.06 -2.79 0.49
C PRO A 14 5.10 -1.79 -0.66
N CYS A 15 5.27 -0.52 -0.32
CA CYS A 15 5.33 0.53 -1.33
C CYS A 15 6.72 1.15 -1.40
N LYS A 16 7.73 0.33 -1.13
CA LYS A 16 9.13 0.78 -1.16
C LYS A 16 9.62 0.90 -2.59
N ASP A 17 9.32 -0.11 -3.40
CA ASP A 17 9.74 -0.12 -4.80
C ASP A 17 9.16 1.08 -5.55
N ALA A 18 8.02 1.57 -5.08
CA ALA A 18 7.37 2.71 -5.70
C ALA A 18 7.90 4.02 -5.14
N GLY A 19 8.44 3.97 -3.93
CA GLY A 19 8.98 5.16 -3.31
C GLY A 19 7.90 6.17 -2.95
N MET A 20 6.67 5.69 -2.84
CA MET A 20 5.54 6.56 -2.50
C MET A 20 5.18 6.43 -1.03
N ARG A 21 4.20 7.22 -0.59
CA ARG A 21 3.75 7.19 0.80
C ARG A 21 2.26 6.92 0.88
N PHE A 22 1.47 7.74 0.22
CA PHE A 22 0.02 7.60 0.22
C PHE A 22 -0.38 6.19 -0.22
N GLY A 23 -1.65 5.86 -0.02
CA GLY A 23 -2.15 4.54 -0.41
C GLY A 23 -3.64 4.38 -0.16
N LYS A 24 -4.17 3.23 -0.53
CA LYS A 24 -5.59 2.95 -0.35
C LYS A 24 -5.82 1.47 -0.05
N CYS A 25 -6.48 1.21 1.08
CA CYS A 25 -6.76 -0.16 1.49
C CYS A 25 -8.16 -0.59 1.04
N MET A 26 -8.22 -1.59 0.16
CA MET A 26 -9.49 -2.08 -0.34
C MET A 26 -9.33 -3.49 -0.91
N ASN A 27 -10.42 -4.26 -0.89
CA ASN A 27 -10.40 -5.62 -1.41
C ASN A 27 -9.28 -6.43 -0.77
N LYS A 28 -9.04 -6.18 0.52
CA LYS A 28 -7.99 -6.90 1.25
C LYS A 28 -6.63 -6.67 0.60
N LYS A 29 -6.45 -5.50 0.01
CA LYS A 29 -5.18 -5.16 -0.65
C LYS A 29 -4.87 -3.68 -0.48
N CYS A 30 -3.57 -3.36 -0.44
CA CYS A 30 -3.13 -1.98 -0.29
C CYS A 30 -2.57 -1.44 -1.60
N ARG A 31 -3.15 -0.35 -2.09
CA ARG A 31 -2.70 0.27 -3.33
C ARG A 31 -1.80 1.46 -3.05
N CYS A 32 -0.84 1.69 -3.94
CA CYS A 32 0.10 2.80 -3.79
C CYS A 32 -0.44 4.06 -4.47
N TYR A 33 -0.07 5.21 -3.94
CA TYR A 33 -0.52 6.49 -4.49
C TYR A 33 0.55 7.56 -4.31
N SER A 34 0.59 8.51 -5.26
CA SER A 34 1.56 9.59 -5.20
C SER A 34 0.92 10.88 -4.70
N ILE A 1 -0.64 -8.99 -7.60
CA ILE A 1 -0.01 -9.86 -6.60
C ILE A 1 -0.79 -9.85 -5.30
N ASN A 2 -0.77 -10.99 -4.60
CA ASN A 2 -1.48 -11.10 -3.32
C ASN A 2 -0.76 -10.32 -2.22
N VAL A 3 -1.35 -9.21 -1.82
CA VAL A 3 -0.77 -8.37 -0.78
C VAL A 3 -1.79 -8.06 0.31
N LYS A 4 -1.33 -8.04 1.56
CA LYS A 4 -2.20 -7.76 2.69
C LYS A 4 -2.85 -6.39 2.56
N CYS A 5 -3.73 -6.06 3.49
CA CYS A 5 -4.42 -4.78 3.48
C CYS A 5 -4.15 -4.00 4.77
N SER A 6 -4.06 -2.68 4.64
CA SER A 6 -3.80 -1.82 5.80
C SER A 6 -3.77 -0.36 5.39
N LEU A 7 -3.89 0.53 6.37
CA LEU A 7 -3.87 1.96 6.10
C LEU A 7 -2.62 2.37 5.34
N PRO A 8 -2.68 3.54 4.69
CA PRO A 8 -1.54 4.06 3.92
C PRO A 8 -0.39 4.50 4.80
N GLN A 9 -0.67 4.69 6.09
CA GLN A 9 0.34 5.11 7.04
C GLN A 9 1.27 3.95 7.41
N GLN A 10 0.74 2.73 7.30
CA GLN A 10 1.52 1.54 7.63
C GLN A 10 1.66 0.64 6.40
N CYS A 11 1.62 1.25 5.22
CA CYS A 11 1.74 0.49 3.98
C CYS A 11 3.00 0.90 3.22
N ILE A 12 3.96 1.47 3.94
CA ILE A 12 5.21 1.90 3.33
C ILE A 12 6.05 0.71 2.89
N LYS A 13 6.02 -0.36 3.68
CA LYS A 13 6.78 -1.57 3.37
C LYS A 13 6.40 -2.11 1.99
N PRO A 14 5.11 -2.44 1.80
CA PRO A 14 4.59 -2.95 0.54
C PRO A 14 4.58 -1.89 -0.56
N CYS A 15 4.84 -0.65 -0.18
CA CYS A 15 4.86 0.45 -1.13
C CYS A 15 6.23 1.13 -1.16
N LYS A 16 7.26 0.35 -0.86
CA LYS A 16 8.63 0.89 -0.86
C LYS A 16 9.23 0.87 -2.26
N ASP A 17 8.92 -0.18 -3.02
CA ASP A 17 9.43 -0.31 -4.38
C ASP A 17 8.88 0.81 -5.27
N ALA A 18 7.70 1.30 -4.93
CA ALA A 18 7.07 2.37 -5.70
C ALA A 18 7.64 3.73 -5.30
N GLY A 19 8.18 3.81 -4.09
CA GLY A 19 8.74 5.06 -3.62
C GLY A 19 7.68 6.09 -3.29
N MET A 20 6.46 5.62 -3.03
CA MET A 20 5.35 6.50 -2.70
C MET A 20 5.06 6.47 -1.20
N ARG A 21 4.07 7.26 -0.78
CA ARG A 21 3.70 7.32 0.63
C ARG A 21 2.22 6.98 0.82
N PHE A 22 1.35 7.74 0.16
CA PHE A 22 -0.08 7.50 0.26
C PHE A 22 -0.44 6.08 -0.13
N GLY A 23 -1.71 5.73 0.00
CA GLY A 23 -2.15 4.39 -0.34
C GLY A 23 -3.65 4.20 -0.14
N LYS A 24 -4.14 3.03 -0.52
CA LYS A 24 -5.57 2.73 -0.39
C LYS A 24 -5.78 1.25 -0.09
N CYS A 25 -6.50 0.97 1.00
CA CYS A 25 -6.78 -0.41 1.38
C CYS A 25 -8.16 -0.85 0.90
N MET A 26 -8.19 -1.88 0.06
CA MET A 26 -9.44 -2.39 -0.47
C MET A 26 -9.24 -3.78 -1.08
N ASN A 27 -10.30 -4.58 -1.05
CA ASN A 27 -10.24 -5.93 -1.60
C ASN A 27 -9.07 -6.71 -1.01
N LYS A 28 -8.87 -6.57 0.30
CA LYS A 28 -7.78 -7.26 0.97
C LYS A 28 -6.45 -7.00 0.28
N LYS A 29 -6.32 -5.82 -0.32
CA LYS A 29 -5.09 -5.46 -1.03
C LYS A 29 -4.70 -4.01 -0.72
N CYS A 30 -3.40 -3.74 -0.78
CA CYS A 30 -2.88 -2.40 -0.50
C CYS A 30 -2.45 -1.71 -1.79
N ARG A 31 -3.04 -0.55 -2.06
CA ARG A 31 -2.72 0.21 -3.26
C ARG A 31 -1.77 1.36 -2.93
N CYS A 32 -0.89 1.69 -3.88
CA CYS A 32 0.07 2.76 -3.69
C CYS A 32 -0.49 4.09 -4.20
N TYR A 33 0.00 5.19 -3.64
CA TYR A 33 -0.46 6.52 -4.03
C TYR A 33 0.57 7.58 -3.65
N SER A 34 0.67 8.61 -4.48
CA SER A 34 1.61 9.70 -4.24
C SER A 34 0.97 10.82 -3.44
N ILE A 1 -1.49 -8.25 -8.04
CA ILE A 1 -0.79 -9.19 -7.17
C ILE A 1 -1.50 -9.34 -5.82
N ASN A 2 -1.46 -10.55 -5.27
CA ASN A 2 -2.10 -10.81 -4.00
C ASN A 2 -1.32 -10.18 -2.85
N VAL A 3 -1.83 -9.07 -2.33
CA VAL A 3 -1.18 -8.37 -1.23
C VAL A 3 -2.16 -8.11 -0.09
N LYS A 4 -1.65 -8.19 1.14
CA LYS A 4 -2.48 -7.95 2.32
C LYS A 4 -3.08 -6.55 2.31
N CYS A 5 -3.92 -6.27 3.29
CA CYS A 5 -4.56 -4.96 3.39
C CYS A 5 -4.22 -4.29 4.73
N SER A 6 -4.07 -2.97 4.71
CA SER A 6 -3.75 -2.22 5.91
C SER A 6 -3.70 -0.72 5.61
N LEU A 7 -3.77 0.09 6.67
CA LEU A 7 -3.74 1.54 6.53
C LEU A 7 -2.50 1.98 5.75
N PRO A 8 -2.56 3.20 5.19
CA PRO A 8 -1.44 3.77 4.41
C PRO A 8 -0.25 4.11 5.29
N GLN A 9 -0.48 4.19 6.60
CA GLN A 9 0.58 4.52 7.55
C GLN A 9 1.50 3.32 7.76
N GLN A 10 0.99 2.12 7.50
CA GLN A 10 1.77 0.91 7.68
C GLN A 10 1.92 0.16 6.35
N CYS A 11 1.79 0.90 5.25
CA CYS A 11 1.92 0.32 3.92
C CYS A 11 3.24 0.74 3.27
N ILE A 12 4.17 1.21 4.07
CA ILE A 12 5.47 1.65 3.58
C ILE A 12 6.30 0.46 3.10
N LYS A 13 6.16 -0.67 3.80
CA LYS A 13 6.89 -1.87 3.45
C LYS A 13 6.63 -2.29 2.00
N PRO A 14 5.35 -2.54 1.69
CA PRO A 14 4.93 -2.94 0.34
C PRO A 14 5.05 -1.79 -0.66
N CYS A 15 5.33 -0.59 -0.16
CA CYS A 15 5.48 0.58 -1.01
C CYS A 15 6.84 1.24 -0.80
N LYS A 16 7.84 0.42 -0.50
CA LYS A 16 9.19 0.93 -0.27
C LYS A 16 9.96 1.03 -1.60
N ASP A 17 9.75 0.05 -2.47
CA ASP A 17 10.41 0.04 -3.76
C ASP A 17 9.91 1.16 -4.66
N ALA A 18 8.69 1.62 -4.39
CA ALA A 18 8.09 2.70 -5.16
C ALA A 18 8.35 4.05 -4.51
N GLY A 19 8.60 4.04 -3.21
CA GLY A 19 8.87 5.27 -2.48
C GLY A 19 7.61 6.13 -2.32
N MET A 20 6.45 5.48 -2.40
CA MET A 20 5.19 6.19 -2.26
C MET A 20 5.05 6.80 -0.87
N ARG A 21 3.90 7.40 -0.60
CA ARG A 21 3.64 8.01 0.70
C ARG A 21 2.35 7.47 1.31
N PHE A 22 1.22 7.88 0.74
CA PHE A 22 -0.08 7.45 1.22
C PHE A 22 -0.56 6.21 0.46
N GLY A 23 -1.83 5.84 0.68
CA GLY A 23 -2.38 4.68 0.00
C GLY A 23 -3.84 4.48 0.31
N LYS A 24 -4.36 3.29 0.03
CA LYS A 24 -5.76 2.97 0.28
C LYS A 24 -5.96 1.47 0.45
N CYS A 25 -6.62 1.08 1.53
CA CYS A 25 -6.88 -0.32 1.81
C CYS A 25 -8.26 -0.73 1.32
N MET A 26 -8.30 -1.63 0.33
CA MET A 26 -9.56 -2.10 -0.22
C MET A 26 -9.36 -3.40 -1.00
N ASN A 27 -10.44 -4.14 -1.21
CA ASN A 27 -10.37 -5.40 -1.93
C ASN A 27 -9.29 -6.31 -1.35
N LYS A 28 -9.15 -6.28 -0.03
CA LYS A 28 -8.16 -7.11 0.65
C LYS A 28 -6.76 -6.84 0.10
N LYS A 29 -6.53 -5.61 -0.37
CA LYS A 29 -5.24 -5.23 -0.91
C LYS A 29 -4.92 -3.79 -0.59
N CYS A 30 -3.63 -3.45 -0.60
CA CYS A 30 -3.18 -2.09 -0.31
C CYS A 30 -2.73 -1.38 -1.58
N ARG A 31 -3.35 -0.24 -1.87
CA ARG A 31 -3.01 0.53 -3.05
C ARG A 31 -2.12 1.71 -2.70
N CYS A 32 -1.22 2.08 -3.61
CA CYS A 32 -0.31 3.19 -3.39
C CYS A 32 -0.36 4.17 -4.55
N TYR A 33 -0.53 5.45 -4.23
CA TYR A 33 -0.60 6.50 -5.24
C TYR A 33 0.52 7.51 -5.05
N SER A 34 1.11 7.94 -6.16
CA SER A 34 2.20 8.91 -6.12
C SER A 34 1.68 10.32 -6.38
N ILE A 1 -1.35 -8.29 -7.80
CA ILE A 1 -0.74 -9.30 -6.95
C ILE A 1 -1.48 -9.41 -5.62
N ASN A 2 -1.56 -10.62 -5.10
CA ASN A 2 -2.24 -10.87 -3.83
C ASN A 2 -1.41 -10.34 -2.66
N VAL A 3 -1.83 -9.20 -2.12
CA VAL A 3 -1.14 -8.58 -1.00
C VAL A 3 -2.10 -8.24 0.13
N LYS A 4 -1.64 -8.38 1.37
CA LYS A 4 -2.46 -8.08 2.53
C LYS A 4 -3.02 -6.66 2.46
N CYS A 5 -3.85 -6.32 3.43
CA CYS A 5 -4.45 -4.99 3.48
C CYS A 5 -4.08 -4.26 4.78
N SER A 6 -3.92 -2.95 4.69
CA SER A 6 -3.55 -2.15 5.85
C SER A 6 -3.51 -0.67 5.49
N LEU A 7 -3.54 0.18 6.51
CA LEU A 7 -3.50 1.62 6.30
C LEU A 7 -2.28 2.03 5.48
N PRO A 8 -2.35 3.21 4.86
CA PRO A 8 -1.26 3.74 4.03
C PRO A 8 -0.04 4.13 4.86
N GLN A 9 -0.23 4.25 6.17
CA GLN A 9 0.86 4.61 7.08
C GLN A 9 1.78 3.43 7.32
N GLN A 10 1.25 2.23 7.13
CA GLN A 10 2.03 1.01 7.33
C GLN A 10 2.15 0.22 6.03
N CYS A 11 2.08 0.92 4.90
CA CYS A 11 2.18 0.29 3.60
C CYS A 11 3.44 0.74 2.87
N ILE A 12 4.35 1.38 3.60
CA ILE A 12 5.60 1.85 3.03
C ILE A 12 6.51 0.70 2.65
N LYS A 13 6.49 -0.36 3.45
CA LYS A 13 7.31 -1.53 3.20
C LYS A 13 7.05 -2.10 1.81
N PRO A 14 5.79 -2.49 1.56
CA PRO A 14 5.38 -3.06 0.27
C PRO A 14 5.38 -2.01 -0.84
N CYS A 15 5.58 -0.75 -0.47
CA CYS A 15 5.60 0.34 -1.43
C CYS A 15 6.81 1.24 -1.21
N LYS A 16 7.97 0.62 -0.98
CA LYS A 16 9.19 1.37 -0.75
C LYS A 16 9.89 1.70 -2.07
N ASP A 17 9.96 0.72 -2.95
CA ASP A 17 10.59 0.91 -4.26
C ASP A 17 9.90 2.01 -5.05
N ALA A 18 8.64 2.27 -4.71
CA ALA A 18 7.86 3.30 -5.38
C ALA A 18 7.99 4.65 -4.67
N GLY A 19 8.32 4.59 -3.38
CA GLY A 19 8.47 5.81 -2.60
C GLY A 19 7.15 6.56 -2.45
N MET A 20 6.05 5.85 -2.60
CA MET A 20 4.73 6.47 -2.48
C MET A 20 4.60 7.24 -1.17
N ARG A 21 3.53 8.00 -1.03
CA ARG A 21 3.29 8.79 0.17
C ARG A 21 1.95 8.43 0.79
N PHE A 22 0.97 8.13 -0.05
CA PHE A 22 -0.37 7.76 0.44
C PHE A 22 -0.89 6.53 -0.30
N GLY A 23 -1.88 5.87 0.29
CA GLY A 23 -2.45 4.69 -0.31
C GLY A 23 -3.91 4.49 0.05
N LYS A 24 -4.39 3.27 -0.10
CA LYS A 24 -5.77 2.95 0.22
C LYS A 24 -5.96 1.44 0.43
N CYS A 25 -6.60 1.08 1.54
CA CYS A 25 -6.83 -0.33 1.85
C CYS A 25 -8.24 -0.75 1.42
N MET A 26 -8.31 -1.71 0.49
CA MET A 26 -9.59 -2.19 0.01
C MET A 26 -9.41 -3.49 -0.79
N ASN A 27 -10.49 -4.27 -0.89
CA ASN A 27 -10.44 -5.53 -1.61
C ASN A 27 -9.34 -6.44 -1.07
N LYS A 28 -9.17 -6.43 0.26
CA LYS A 28 -8.16 -7.24 0.90
C LYS A 28 -6.77 -6.97 0.31
N LYS A 29 -6.60 -5.77 -0.22
CA LYS A 29 -5.32 -5.37 -0.81
C LYS A 29 -5.01 -3.91 -0.51
N CYS A 30 -3.73 -3.58 -0.46
CA CYS A 30 -3.29 -2.22 -0.19
C CYS A 30 -2.78 -1.54 -1.46
N ARG A 31 -3.38 -0.41 -1.80
CA ARG A 31 -2.98 0.34 -3.00
C ARG A 31 -2.06 1.49 -2.63
N CYS A 32 -1.14 1.81 -3.52
CA CYS A 32 -0.19 2.90 -3.29
C CYS A 32 -0.12 3.83 -4.49
N TYR A 33 -0.24 5.13 -4.25
CA TYR A 33 -0.19 6.12 -5.31
C TYR A 33 1.03 7.02 -5.17
N SER A 34 1.64 7.37 -6.31
CA SER A 34 2.82 8.23 -6.30
C SER A 34 2.63 9.41 -7.25
N ILE A 1 -1.22 -8.44 -7.79
CA ILE A 1 -0.66 -9.44 -6.88
C ILE A 1 -1.48 -9.52 -5.59
N ASN A 2 -1.63 -10.73 -5.06
CA ASN A 2 -2.37 -10.94 -3.83
C ASN A 2 -1.60 -10.43 -2.63
N VAL A 3 -2.00 -9.27 -2.11
CA VAL A 3 -1.34 -8.66 -0.97
C VAL A 3 -2.35 -8.27 0.11
N LYS A 4 -1.96 -8.41 1.37
CA LYS A 4 -2.83 -8.08 2.48
C LYS A 4 -3.33 -6.64 2.38
N CYS A 5 -4.19 -6.25 3.30
CA CYS A 5 -4.75 -4.90 3.30
C CYS A 5 -4.43 -4.19 4.62
N SER A 6 -4.19 -2.89 4.54
CA SER A 6 -3.89 -2.09 5.72
C SER A 6 -3.79 -0.61 5.38
N LEU A 7 -3.87 0.24 6.39
CA LEU A 7 -3.78 1.68 6.19
C LEU A 7 -2.52 2.06 5.44
N PRO A 8 -2.52 3.26 4.83
CA PRO A 8 -1.38 3.76 4.07
C PRO A 8 -0.19 4.12 4.96
N GLN A 9 -0.45 4.22 6.26
CA GLN A 9 0.59 4.55 7.22
C GLN A 9 1.50 3.36 7.47
N GLN A 10 0.97 2.16 7.23
CA GLN A 10 1.73 0.93 7.43
C GLN A 10 1.91 0.17 6.13
N CYS A 11 1.75 0.88 5.01
CA CYS A 11 1.88 0.28 3.69
C CYS A 11 3.14 0.79 2.98
N ILE A 12 4.01 1.46 3.73
CA ILE A 12 5.24 2.00 3.17
C ILE A 12 6.22 0.88 2.82
N LYS A 13 6.21 -0.18 3.61
CA LYS A 13 7.10 -1.31 3.38
C LYS A 13 6.90 -1.88 1.98
N PRO A 14 5.67 -2.33 1.69
CA PRO A 14 5.31 -2.90 0.39
C PRO A 14 5.30 -1.85 -0.71
N CYS A 15 5.43 -0.58 -0.33
CA CYS A 15 5.42 0.51 -1.29
C CYS A 15 6.62 1.44 -1.06
N LYS A 16 7.78 0.86 -0.78
CA LYS A 16 8.99 1.62 -0.52
C LYS A 16 9.71 1.93 -1.84
N ASP A 17 9.94 0.90 -2.64
CA ASP A 17 10.62 1.05 -3.92
C ASP A 17 9.88 2.04 -4.82
N ALA A 18 8.59 2.20 -4.56
CA ALA A 18 7.77 3.11 -5.34
C ALA A 18 7.73 4.50 -4.70
N GLY A 19 8.22 4.59 -3.47
CA GLY A 19 8.23 5.87 -2.77
C GLY A 19 6.83 6.37 -2.46
N MET A 20 5.88 5.45 -2.42
CA MET A 20 4.49 5.82 -2.13
C MET A 20 4.41 6.65 -0.86
N ARG A 21 3.41 7.52 -0.80
CA ARG A 21 3.21 8.39 0.37
C ARG A 21 1.86 8.12 1.02
N PHE A 22 0.86 7.82 0.19
CA PHE A 22 -0.48 7.55 0.68
C PHE A 22 -1.19 6.52 -0.20
N GLY A 23 -1.20 5.27 0.26
CA GLY A 23 -1.84 4.20 -0.50
C GLY A 23 -3.33 4.13 -0.24
N LYS A 24 -3.94 3.04 -0.67
CA LYS A 24 -5.39 2.84 -0.48
C LYS A 24 -5.70 1.37 -0.22
N CYS A 25 -6.39 1.11 0.88
CA CYS A 25 -6.76 -0.25 1.26
C CYS A 25 -8.17 -0.58 0.77
N MET A 26 -8.27 -1.56 -0.13
CA MET A 26 -9.56 -1.97 -0.68
C MET A 26 -9.47 -3.37 -1.27
N ASN A 27 -10.59 -4.07 -1.29
CA ASN A 27 -10.64 -5.42 -1.84
C ASN A 27 -9.58 -6.31 -1.21
N LYS A 28 -9.36 -6.11 0.09
CA LYS A 28 -8.38 -6.90 0.83
C LYS A 28 -6.99 -6.75 0.21
N LYS A 29 -6.73 -5.58 -0.36
CA LYS A 29 -5.44 -5.31 -0.98
C LYS A 29 -5.04 -3.86 -0.79
N CYS A 30 -3.74 -3.60 -0.73
CA CYS A 30 -3.22 -2.24 -0.56
C CYS A 30 -2.63 -1.72 -1.86
N ARG A 31 -3.15 -0.58 -2.33
CA ARG A 31 -2.66 0.03 -3.56
C ARG A 31 -1.67 1.14 -3.26
N CYS A 32 -0.59 1.20 -4.04
CA CYS A 32 0.43 2.21 -3.86
C CYS A 32 0.29 3.32 -4.90
N TYR A 33 0.27 4.57 -4.42
CA TYR A 33 0.14 5.71 -5.31
C TYR A 33 1.15 6.81 -4.95
N SER A 34 1.87 7.30 -5.96
CA SER A 34 2.87 8.33 -5.75
C SER A 34 2.53 9.57 -6.56
N ILE A 1 -1.15 -8.74 -7.86
CA ILE A 1 -0.50 -9.67 -6.94
C ILE A 1 -1.24 -9.74 -5.61
N ASN A 2 -1.29 -10.94 -5.03
CA ASN A 2 -1.97 -11.14 -3.76
C ASN A 2 -1.17 -10.52 -2.60
N VAL A 3 -1.63 -9.36 -2.13
CA VAL A 3 -0.96 -8.66 -1.04
C VAL A 3 -1.95 -8.30 0.06
N LYS A 4 -1.49 -8.36 1.31
CA LYS A 4 -2.33 -8.04 2.45
C LYS A 4 -2.92 -6.64 2.30
N CYS A 5 -3.78 -6.26 3.25
CA CYS A 5 -4.41 -4.95 3.23
C CYS A 5 -4.09 -4.17 4.50
N SER A 6 -3.95 -2.85 4.35
CA SER A 6 -3.64 -1.99 5.49
C SER A 6 -3.60 -0.52 5.07
N LEU A 7 -3.69 0.37 6.04
CA LEU A 7 -3.66 1.80 5.78
C LEU A 7 -2.43 2.19 4.97
N PRO A 8 -2.48 3.35 4.31
CA PRO A 8 -1.38 3.86 3.49
C PRO A 8 -0.19 4.29 4.34
N GLN A 9 -0.45 4.53 5.62
CA GLN A 9 0.61 4.96 6.54
C GLN A 9 1.52 3.78 6.92
N GLN A 10 0.98 2.57 6.79
CA GLN A 10 1.75 1.37 7.12
C GLN A 10 1.92 0.49 5.88
N CYS A 11 1.85 1.09 4.71
CA CYS A 11 2.01 0.37 3.45
C CYS A 11 3.34 0.69 2.80
N ILE A 12 4.26 1.25 3.58
CA ILE A 12 5.58 1.61 3.07
C ILE A 12 6.42 0.37 2.78
N LYS A 13 6.23 -0.67 3.59
CA LYS A 13 6.96 -1.92 3.41
C LYS A 13 6.73 -2.49 2.02
N PRO A 14 5.46 -2.77 1.69
CA PRO A 14 5.08 -3.32 0.39
C PRO A 14 5.25 -2.31 -0.74
N CYS A 15 5.53 -1.06 -0.37
CA CYS A 15 5.71 0.00 -1.35
C CYS A 15 6.99 0.78 -1.08
N LYS A 16 8.07 0.05 -0.76
CA LYS A 16 9.36 0.68 -0.48
C LYS A 16 10.11 0.98 -1.77
N ASP A 17 10.15 0.01 -2.67
CA ASP A 17 10.84 0.17 -3.95
C ASP A 17 10.29 1.37 -4.71
N ALA A 18 9.04 1.72 -4.43
CA ALA A 18 8.40 2.85 -5.09
C ALA A 18 8.54 4.12 -4.26
N GLY A 19 8.75 3.96 -2.96
CA GLY A 19 8.91 5.10 -2.07
C GLY A 19 7.64 5.93 -1.98
N MET A 20 6.51 5.31 -2.27
CA MET A 20 5.22 6.00 -2.21
C MET A 20 4.78 6.22 -0.77
N ARG A 21 3.85 7.15 -0.57
CA ARG A 21 3.35 7.46 0.76
C ARG A 21 1.86 7.18 0.87
N PHE A 22 1.08 7.82 0.00
CA PHE A 22 -0.37 7.63 0.00
C PHE A 22 -0.73 6.16 -0.29
N GLY A 23 -2.02 5.92 -0.53
CA GLY A 23 -2.47 4.57 -0.80
C GLY A 23 -3.92 4.36 -0.43
N LYS A 24 -4.43 3.15 -0.65
CA LYS A 24 -5.80 2.82 -0.34
C LYS A 24 -5.97 1.33 -0.10
N CYS A 25 -6.60 0.98 1.02
CA CYS A 25 -6.83 -0.41 1.37
C CYS A 25 -8.21 -0.88 0.90
N MET A 26 -8.22 -1.85 0.00
CA MET A 26 -9.48 -2.38 -0.52
C MET A 26 -9.24 -3.70 -1.26
N ASN A 27 -10.30 -4.50 -1.38
CA ASN A 27 -10.20 -5.79 -2.07
C ASN A 27 -9.12 -6.65 -1.44
N LYS A 28 -9.00 -6.61 -0.12
CA LYS A 28 -8.01 -7.39 0.60
C LYS A 28 -6.61 -7.10 0.07
N LYS A 29 -6.43 -5.91 -0.49
CA LYS A 29 -5.14 -5.51 -1.03
C LYS A 29 -4.89 -4.02 -0.79
N CYS A 30 -3.62 -3.64 -0.70
CA CYS A 30 -3.24 -2.25 -0.48
C CYS A 30 -2.69 -1.63 -1.75
N ARG A 31 -3.31 -0.54 -2.20
CA ARG A 31 -2.89 0.16 -3.41
C ARG A 31 -1.99 1.34 -3.06
N CYS A 32 -1.03 1.62 -3.94
CA CYS A 32 -0.10 2.73 -3.73
C CYS A 32 -0.11 3.68 -4.92
N TYR A 33 -0.27 4.97 -4.64
CA TYR A 33 -0.29 5.99 -5.69
C TYR A 33 0.50 7.21 -5.28
N SER A 34 1.06 7.91 -6.26
CA SER A 34 1.85 9.11 -6.01
C SER A 34 0.94 10.31 -5.75
N ILE A 1 -0.49 -8.70 -7.41
CA ILE A 1 0.12 -9.60 -6.44
C ILE A 1 -0.69 -9.66 -5.15
N ASN A 2 -0.74 -10.84 -4.54
CA ASN A 2 -1.49 -11.03 -3.30
C ASN A 2 -0.76 -10.38 -2.13
N VAL A 3 -1.27 -9.23 -1.70
CA VAL A 3 -0.67 -8.50 -0.59
C VAL A 3 -1.72 -8.14 0.46
N LYS A 4 -1.33 -8.17 1.72
CA LYS A 4 -2.23 -7.84 2.82
C LYS A 4 -2.85 -6.46 2.62
N CYS A 5 -3.77 -6.10 3.51
CA CYS A 5 -4.44 -4.81 3.43
C CYS A 5 -4.19 -3.98 4.69
N SER A 6 -4.08 -2.67 4.53
CA SER A 6 -3.84 -1.78 5.66
C SER A 6 -3.81 -0.32 5.20
N LEU A 7 -3.95 0.60 6.15
CA LEU A 7 -3.94 2.02 5.85
C LEU A 7 -2.66 2.40 5.09
N PRO A 8 -2.71 3.55 4.39
CA PRO A 8 -1.57 4.05 3.62
C PRO A 8 -0.43 4.52 4.52
N GLN A 9 -0.73 4.72 5.80
CA GLN A 9 0.27 5.17 6.76
C GLN A 9 1.22 4.03 7.13
N GLN A 10 0.75 2.81 7.00
CA GLN A 10 1.56 1.63 7.32
C GLN A 10 1.77 0.76 6.09
N CYS A 11 1.61 1.36 4.91
CA CYS A 11 1.78 0.64 3.65
C CYS A 11 3.09 1.04 2.97
N ILE A 12 3.95 1.71 3.73
CA ILE A 12 5.24 2.16 3.20
C ILE A 12 6.17 0.97 2.94
N LYS A 13 6.11 -0.02 3.83
CA LYS A 13 6.93 -1.21 3.70
C LYS A 13 6.72 -1.89 2.36
N PRO A 14 5.47 -2.30 2.09
CA PRO A 14 5.09 -2.96 0.83
C PRO A 14 5.13 -2.02 -0.35
N CYS A 15 5.16 -0.71 -0.07
CA CYS A 15 5.20 0.30 -1.12
C CYS A 15 6.51 1.08 -1.07
N LYS A 16 7.58 0.39 -0.70
CA LYS A 16 8.90 1.02 -0.62
C LYS A 16 9.55 1.09 -1.99
N ASP A 17 9.49 0.00 -2.74
CA ASP A 17 10.07 -0.06 -4.07
C ASP A 17 9.29 0.83 -5.04
N ALA A 18 8.01 1.03 -4.76
CA ALA A 18 7.16 1.87 -5.60
C ALA A 18 7.56 3.34 -5.50
N GLY A 19 8.21 3.69 -4.39
CA GLY A 19 8.63 5.07 -4.19
C GLY A 19 7.46 6.00 -3.92
N MET A 20 6.36 5.43 -3.45
CA MET A 20 5.16 6.22 -3.16
C MET A 20 4.99 6.39 -1.65
N ARG A 21 3.93 7.09 -1.25
CA ARG A 21 3.65 7.33 0.16
C ARG A 21 2.20 7.03 0.49
N PHE A 22 1.29 7.62 -0.29
CA PHE A 22 -0.14 7.42 -0.09
C PHE A 22 -0.58 6.06 -0.61
N GLY A 23 -1.83 5.71 -0.35
CA GLY A 23 -2.36 4.44 -0.81
C GLY A 23 -3.82 4.25 -0.44
N LYS A 24 -4.36 3.08 -0.79
CA LYS A 24 -5.75 2.77 -0.48
C LYS A 24 -5.93 1.28 -0.21
N CYS A 25 -6.58 0.97 0.90
CA CYS A 25 -6.83 -0.43 1.28
C CYS A 25 -8.18 -0.89 0.78
N MET A 26 -8.17 -1.92 -0.06
CA MET A 26 -9.41 -2.47 -0.62
C MET A 26 -9.16 -3.84 -1.25
N ASN A 27 -10.20 -4.66 -1.32
CA ASN A 27 -10.09 -5.99 -1.90
C ASN A 27 -9.00 -6.79 -1.21
N LYS A 28 -8.89 -6.64 0.10
CA LYS A 28 -7.90 -7.36 0.88
C LYS A 28 -6.49 -7.08 0.36
N LYS A 29 -6.33 -5.93 -0.30
CA LYS A 29 -5.04 -5.54 -0.86
C LYS A 29 -4.81 -4.04 -0.69
N CYS A 30 -3.54 -3.64 -0.61
CA CYS A 30 -3.18 -2.25 -0.45
C CYS A 30 -2.61 -1.68 -1.75
N ARG A 31 -3.25 -0.61 -2.25
CA ARG A 31 -2.81 0.03 -3.48
C ARG A 31 -1.90 1.21 -3.18
N CYS A 32 -0.93 1.44 -4.06
CA CYS A 32 0.01 2.54 -3.90
C CYS A 32 -0.50 3.80 -4.59
N TYR A 33 -0.48 4.91 -3.87
CA TYR A 33 -0.94 6.18 -4.40
C TYR A 33 0.15 7.24 -4.32
N SER A 34 0.24 8.07 -5.35
CA SER A 34 1.24 9.13 -5.40
C SER A 34 0.69 10.44 -4.84
N ILE A 1 -1.06 -9.13 -7.42
CA ILE A 1 -0.47 -9.99 -6.40
C ILE A 1 -1.26 -9.94 -5.10
N ASN A 2 -1.40 -11.09 -4.45
CA ASN A 2 -2.13 -11.17 -3.20
C ASN A 2 -1.35 -10.54 -2.05
N VAL A 3 -1.77 -9.36 -1.62
CA VAL A 3 -1.10 -8.65 -0.55
C VAL A 3 -2.10 -8.21 0.53
N LYS A 4 -1.66 -8.26 1.78
CA LYS A 4 -2.51 -7.87 2.90
C LYS A 4 -2.94 -6.41 2.78
N CYS A 5 -3.77 -5.97 3.71
CA CYS A 5 -4.26 -4.60 3.71
C CYS A 5 -3.87 -3.88 5.00
N SER A 6 -3.54 -2.59 4.88
CA SER A 6 -3.14 -1.79 6.03
C SER A 6 -3.27 -0.30 5.73
N LEU A 7 -3.28 0.51 6.78
CA LEU A 7 -3.39 1.96 6.62
C LEU A 7 -2.31 2.49 5.69
N PRO A 8 -2.55 3.69 5.14
CA PRO A 8 -1.61 4.34 4.21
C PRO A 8 -0.34 4.81 4.92
N GLN A 9 -0.42 4.95 6.24
CA GLN A 9 0.73 5.39 7.04
C GLN A 9 1.73 4.26 7.20
N GLN A 10 1.26 3.02 7.09
CA GLN A 10 2.13 1.86 7.24
C GLN A 10 2.16 1.05 5.95
N CYS A 11 1.81 1.69 4.84
CA CYS A 11 1.80 1.03 3.54
C CYS A 11 3.05 1.38 2.75
N ILE A 12 4.01 2.00 3.41
CA ILE A 12 5.25 2.40 2.76
C ILE A 12 6.11 1.18 2.42
N LYS A 13 6.05 0.17 3.28
CA LYS A 13 6.81 -1.06 3.08
C LYS A 13 6.49 -1.69 1.73
N PRO A 14 5.21 -2.03 1.53
CA PRO A 14 4.74 -2.63 0.28
C PRO A 14 4.76 -1.65 -0.89
N CYS A 15 5.01 -0.39 -0.58
CA CYS A 15 5.06 0.66 -1.60
C CYS A 15 6.47 1.22 -1.74
N LYS A 16 7.46 0.37 -1.53
CA LYS A 16 8.86 0.78 -1.63
C LYS A 16 9.29 0.90 -3.08
N ASP A 17 8.80 -0.01 -3.91
CA ASP A 17 9.13 0.00 -5.34
C ASP A 17 8.50 1.20 -6.04
N ALA A 18 7.41 1.71 -5.47
CA ALA A 18 6.72 2.86 -6.04
C ALA A 18 7.34 4.17 -5.57
N GLY A 19 8.02 4.12 -4.42
CA GLY A 19 8.66 5.30 -3.88
C GLY A 19 7.65 6.32 -3.37
N MET A 20 6.45 5.85 -3.07
CA MET A 20 5.39 6.74 -2.57
C MET A 20 5.21 6.55 -1.07
N ARG A 21 4.29 7.34 -0.50
CA ARG A 21 4.02 7.27 0.93
C ARG A 21 2.56 6.91 1.19
N PHE A 22 1.66 7.75 0.69
CA PHE A 22 0.22 7.52 0.87
C PHE A 22 -0.25 6.38 -0.03
N GLY A 23 -1.57 6.12 0.00
CA GLY A 23 -2.13 5.06 -0.82
C GLY A 23 -3.60 4.83 -0.53
N LYS A 24 -4.07 3.63 -0.82
CA LYS A 24 -5.48 3.28 -0.59
C LYS A 24 -5.67 1.77 -0.58
N CYS A 25 -6.45 1.28 0.37
CA CYS A 25 -6.72 -0.15 0.48
C CYS A 25 -7.90 -0.55 -0.40
N MET A 26 -7.75 -1.68 -1.09
CA MET A 26 -8.80 -2.17 -1.98
C MET A 26 -8.73 -3.69 -2.11
N ASN A 27 -9.88 -4.34 -2.04
CA ASN A 27 -9.95 -5.80 -2.15
C ASN A 27 -8.99 -6.46 -1.17
N LYS A 28 -9.05 -6.04 0.09
CA LYS A 28 -8.18 -6.59 1.12
C LYS A 28 -6.72 -6.47 0.73
N LYS A 29 -6.41 -5.47 -0.10
CA LYS A 29 -5.04 -5.24 -0.55
C LYS A 29 -4.64 -3.79 -0.36
N CYS A 30 -3.34 -3.52 -0.43
CA CYS A 30 -2.83 -2.16 -0.25
C CYS A 30 -2.36 -1.59 -1.59
N ARG A 31 -2.80 -0.38 -1.89
CA ARG A 31 -2.43 0.28 -3.13
C ARG A 31 -1.57 1.52 -2.86
N CYS A 32 -0.65 1.80 -3.78
CA CYS A 32 0.23 2.95 -3.64
C CYS A 32 -0.30 4.15 -4.40
N TYR A 33 -0.28 5.32 -3.76
CA TYR A 33 -0.78 6.54 -4.39
C TYR A 33 -0.29 7.77 -3.63
N SER A 34 0.29 8.72 -4.37
CA SER A 34 0.80 9.94 -3.76
C SER A 34 -0.28 10.63 -2.92
N ILE A 1 -0.92 -9.03 -7.46
CA ILE A 1 -0.24 -9.87 -6.48
C ILE A 1 -0.98 -9.87 -5.14
N ASN A 2 -0.98 -11.01 -4.47
CA ASN A 2 -1.64 -11.14 -3.17
C ASN A 2 -0.86 -10.41 -2.08
N VAL A 3 -1.37 -9.25 -1.68
CA VAL A 3 -0.73 -8.45 -0.65
C VAL A 3 -1.69 -8.12 0.48
N LYS A 4 -1.18 -8.09 1.71
CA LYS A 4 -2.01 -7.78 2.87
C LYS A 4 -2.64 -6.39 2.74
N CYS A 5 -3.48 -6.04 3.70
CA CYS A 5 -4.15 -4.75 3.70
C CYS A 5 -3.83 -3.97 4.97
N SER A 6 -3.72 -2.64 4.84
CA SER A 6 -3.42 -1.78 5.97
C SER A 6 -3.43 -0.31 5.55
N LEU A 7 -3.52 0.57 6.53
CA LEU A 7 -3.55 2.01 6.27
C LEU A 7 -2.32 2.43 5.47
N PRO A 8 -2.42 3.60 4.81
CA PRO A 8 -1.33 4.14 3.99
C PRO A 8 -0.15 4.60 4.83
N GLN A 9 -0.39 4.79 6.13
CA GLN A 9 0.65 5.23 7.05
C GLN A 9 1.61 4.10 7.38
N GLN A 10 1.12 2.86 7.30
CA GLN A 10 1.93 1.69 7.58
C GLN A 10 2.04 0.78 6.36
N CYS A 11 1.97 1.39 5.18
CA CYS A 11 2.05 0.64 3.93
C CYS A 11 3.26 1.09 3.11
N ILE A 12 4.24 1.68 3.80
CA ILE A 12 5.45 2.15 3.13
C ILE A 12 6.31 0.97 2.66
N LYS A 13 6.32 -0.09 3.44
CA LYS A 13 7.10 -1.29 3.10
C LYS A 13 6.71 -1.82 1.73
N PRO A 14 5.42 -2.18 1.57
CA PRO A 14 4.90 -2.70 0.31
C PRO A 14 4.83 -1.64 -0.78
N CYS A 15 5.08 -0.39 -0.40
CA CYS A 15 5.05 0.72 -1.34
C CYS A 15 6.40 1.43 -1.39
N LYS A 16 7.46 0.67 -1.15
CA LYS A 16 8.81 1.23 -1.17
C LYS A 16 9.39 1.20 -2.58
N ASP A 17 9.04 0.17 -3.35
CA ASP A 17 9.52 0.04 -4.71
C ASP A 17 8.90 1.10 -5.62
N ALA A 18 7.74 1.60 -5.22
CA ALA A 18 7.05 2.62 -5.99
C ALA A 18 7.47 4.02 -5.57
N GLY A 19 7.97 4.13 -4.33
CA GLY A 19 8.41 5.42 -3.83
C GLY A 19 7.26 6.33 -3.46
N MET A 20 6.10 5.73 -3.20
CA MET A 20 4.91 6.49 -2.84
C MET A 20 4.69 6.47 -1.33
N ARG A 21 4.04 7.50 -0.81
CA ARG A 21 3.77 7.61 0.62
C ARG A 21 2.29 7.38 0.91
N PHE A 22 1.44 7.79 -0.03
CA PHE A 22 0.00 7.65 0.12
C PHE A 22 -0.45 6.27 -0.34
N GLY A 23 -1.77 6.05 -0.32
CA GLY A 23 -2.32 4.77 -0.75
C GLY A 23 -3.72 4.54 -0.23
N LYS A 24 -4.25 3.34 -0.44
CA LYS A 24 -5.59 3.00 0.00
C LYS A 24 -5.72 1.50 0.24
N CYS A 25 -6.42 1.14 1.30
CA CYS A 25 -6.62 -0.27 1.65
C CYS A 25 -8.01 -0.74 1.21
N MET A 26 -8.04 -1.79 0.40
CA MET A 26 -9.29 -2.34 -0.08
C MET A 26 -9.07 -3.67 -0.80
N ASN A 27 -10.13 -4.46 -0.93
CA ASN A 27 -10.05 -5.76 -1.58
C ASN A 27 -8.94 -6.60 -0.98
N LYS A 28 -8.77 -6.50 0.33
CA LYS A 28 -7.74 -7.25 1.03
C LYS A 28 -6.36 -7.00 0.43
N LYS A 29 -6.21 -5.84 -0.20
CA LYS A 29 -4.94 -5.47 -0.81
C LYS A 29 -4.58 -4.02 -0.50
N CYS A 30 -3.29 -3.71 -0.53
CA CYS A 30 -2.82 -2.36 -0.24
C CYS A 30 -2.38 -1.66 -1.52
N ARG A 31 -2.99 -0.51 -1.81
CA ARG A 31 -2.66 0.26 -3.00
C ARG A 31 -1.77 1.45 -2.65
N CYS A 32 -0.87 1.78 -3.57
CA CYS A 32 0.05 2.89 -3.36
C CYS A 32 -0.37 4.10 -4.19
N TYR A 33 -0.45 5.26 -3.53
CA TYR A 33 -0.86 6.49 -4.20
C TYR A 33 0.26 7.54 -4.13
N SER A 34 0.38 8.35 -5.17
CA SER A 34 1.40 9.38 -5.23
C SER A 34 0.77 10.77 -5.04
N ILE A 1 -0.98 -8.80 -7.62
CA ILE A 1 -0.26 -9.66 -6.68
C ILE A 1 -0.99 -9.74 -5.34
N ASN A 2 -1.01 -10.93 -4.76
CA ASN A 2 -1.68 -11.14 -3.48
C ASN A 2 -0.88 -10.51 -2.34
N VAL A 3 -1.36 -9.36 -1.87
CA VAL A 3 -0.69 -8.65 -0.77
C VAL A 3 -1.68 -8.30 0.33
N LYS A 4 -1.21 -8.35 1.57
CA LYS A 4 -2.05 -8.03 2.72
C LYS A 4 -2.67 -6.64 2.58
N CYS A 5 -3.53 -6.27 3.52
CA CYS A 5 -4.17 -4.97 3.50
C CYS A 5 -3.86 -4.19 4.77
N SER A 6 -3.75 -2.87 4.64
CA SER A 6 -3.45 -2.00 5.77
C SER A 6 -3.55 -0.53 5.36
N LEU A 7 -3.65 0.34 6.36
CA LEU A 7 -3.75 1.78 6.12
C LEU A 7 -2.58 2.26 5.27
N PRO A 8 -2.77 3.42 4.63
CA PRO A 8 -1.74 4.03 3.76
C PRO A 8 -0.55 4.54 4.56
N GLN A 9 -0.74 4.67 5.88
CA GLN A 9 0.33 5.16 6.76
C GLN A 9 1.36 4.08 7.00
N GLN A 10 0.94 2.82 6.89
CA GLN A 10 1.84 1.69 7.10
C GLN A 10 1.97 0.86 5.82
N CYS A 11 1.64 1.46 4.69
CA CYS A 11 1.72 0.77 3.41
C CYS A 11 2.96 1.20 2.63
N ILE A 12 3.87 1.89 3.32
CA ILE A 12 5.10 2.35 2.70
C ILE A 12 6.03 1.20 2.37
N LYS A 13 6.05 0.18 3.24
CA LYS A 13 6.89 -0.99 3.04
C LYS A 13 6.59 -1.65 1.69
N PRO A 14 5.33 -2.07 1.50
CA PRO A 14 4.90 -2.72 0.26
C PRO A 14 4.85 -1.76 -0.91
N CYS A 15 5.03 -0.46 -0.62
CA CYS A 15 5.00 0.57 -1.66
C CYS A 15 6.31 1.35 -1.67
N LYS A 16 7.39 0.69 -1.27
CA LYS A 16 8.70 1.33 -1.24
C LYS A 16 9.40 1.21 -2.59
N ASP A 17 9.32 0.02 -3.19
CA ASP A 17 9.94 -0.22 -4.49
C ASP A 17 9.42 0.77 -5.53
N ALA A 18 8.21 1.28 -5.31
CA ALA A 18 7.60 2.23 -6.23
C ALA A 18 7.95 3.67 -5.84
N GLY A 19 8.28 3.86 -4.57
CA GLY A 19 8.63 5.20 -4.09
C GLY A 19 7.41 6.03 -3.76
N MET A 20 6.29 5.36 -3.49
CA MET A 20 5.05 6.04 -3.15
C MET A 20 4.86 6.12 -1.64
N ARG A 21 3.88 6.90 -1.20
CA ARG A 21 3.60 7.07 0.21
C ARG A 21 2.17 6.66 0.53
N PHE A 22 1.22 7.50 0.11
CA PHE A 22 -0.19 7.23 0.34
C PHE A 22 -0.60 5.86 -0.21
N GLY A 23 -1.86 5.49 -0.02
CA GLY A 23 -2.34 4.21 -0.50
C GLY A 23 -3.82 4.01 -0.22
N LYS A 24 -4.35 2.86 -0.64
CA LYS A 24 -5.75 2.55 -0.44
C LYS A 24 -5.94 1.07 -0.13
N CYS A 25 -6.57 0.79 1.01
CA CYS A 25 -6.81 -0.59 1.42
C CYS A 25 -8.22 -1.03 1.06
N MET A 26 -8.31 -2.04 0.20
CA MET A 26 -9.61 -2.54 -0.24
C MET A 26 -9.47 -3.95 -0.80
N ASN A 27 -10.51 -4.77 -0.61
CA ASN A 27 -10.50 -6.15 -1.11
C ASN A 27 -9.30 -6.91 -0.55
N LYS A 28 -8.96 -6.63 0.71
CA LYS A 28 -7.84 -7.29 1.35
C LYS A 28 -6.53 -7.00 0.62
N LYS A 29 -6.50 -5.88 -0.10
CA LYS A 29 -5.30 -5.49 -0.84
C LYS A 29 -5.03 -4.00 -0.68
N CYS A 30 -3.76 -3.65 -0.54
CA CYS A 30 -3.36 -2.26 -0.38
C CYS A 30 -2.69 -1.73 -1.64
N ARG A 31 -3.25 -0.66 -2.19
CA ARG A 31 -2.70 -0.06 -3.41
C ARG A 31 -1.80 1.12 -3.08
N CYS A 32 -0.77 1.32 -3.89
CA CYS A 32 0.17 2.41 -3.69
C CYS A 32 -0.28 3.67 -4.41
N TYR A 33 -0.30 4.78 -3.68
CA TYR A 33 -0.73 6.05 -4.26
C TYR A 33 0.44 7.02 -4.36
N SER A 34 0.47 7.79 -5.44
CA SER A 34 1.55 8.75 -5.67
C SER A 34 1.02 10.18 -5.62
N ILE A 1 -1.25 -8.44 -7.97
CA ILE A 1 -0.65 -9.37 -7.01
C ILE A 1 -1.46 -9.41 -5.72
N ASN A 2 -1.67 -10.61 -5.21
CA ASN A 2 -2.43 -10.80 -3.97
C ASN A 2 -1.62 -10.33 -2.76
N VAL A 3 -1.98 -9.18 -2.22
CA VAL A 3 -1.29 -8.62 -1.06
C VAL A 3 -2.28 -8.25 0.04
N LYS A 4 -1.87 -8.45 1.29
CA LYS A 4 -2.71 -8.14 2.43
C LYS A 4 -3.18 -6.68 2.38
N CYS A 5 -4.03 -6.31 3.33
CA CYS A 5 -4.55 -4.94 3.39
C CYS A 5 -4.20 -4.29 4.73
N SER A 6 -4.07 -2.97 4.72
CA SER A 6 -3.73 -2.23 5.92
C SER A 6 -3.69 -0.73 5.64
N LEU A 7 -3.74 0.07 6.71
CA LEU A 7 -3.71 1.52 6.57
C LEU A 7 -2.48 1.97 5.79
N PRO A 8 -2.54 3.19 5.23
CA PRO A 8 -1.44 3.76 4.44
C PRO A 8 -0.23 4.10 5.31
N GLN A 9 -0.44 4.15 6.62
CA GLN A 9 0.64 4.46 7.56
C GLN A 9 1.57 3.26 7.73
N GLN A 10 1.05 2.07 7.49
CA GLN A 10 1.83 0.85 7.62
C GLN A 10 1.93 0.12 6.29
N CYS A 11 1.70 0.85 5.21
CA CYS A 11 1.77 0.26 3.87
C CYS A 11 3.00 0.75 3.13
N ILE A 12 3.93 1.36 3.86
CA ILE A 12 5.16 1.86 3.27
C ILE A 12 6.08 0.72 2.84
N LYS A 13 6.07 -0.36 3.62
CA LYS A 13 6.89 -1.53 3.31
C LYS A 13 6.60 -2.05 1.91
N PRO A 14 5.34 -2.44 1.68
CA PRO A 14 4.89 -2.96 0.38
C PRO A 14 4.86 -1.89 -0.71
N CYS A 15 5.02 -0.64 -0.28
CA CYS A 15 5.00 0.48 -1.22
C CYS A 15 6.35 1.21 -1.21
N LYS A 16 7.41 0.48 -0.87
CA LYS A 16 8.74 1.06 -0.82
C LYS A 16 9.40 1.04 -2.21
N ASP A 17 9.31 -0.10 -2.88
CA ASP A 17 9.88 -0.24 -4.21
C ASP A 17 9.33 0.81 -5.16
N ALA A 18 8.10 1.27 -4.90
CA ALA A 18 7.45 2.27 -5.72
C ALA A 18 7.88 3.68 -5.32
N GLY A 19 8.32 3.81 -4.07
CA GLY A 19 8.75 5.12 -3.58
C GLY A 19 7.59 6.04 -3.28
N MET A 20 6.40 5.46 -3.10
CA MET A 20 5.22 6.24 -2.82
C MET A 20 5.20 6.71 -1.36
N ARG A 21 4.15 7.45 -0.98
CA ARG A 21 4.03 7.95 0.37
C ARG A 21 2.83 7.33 1.08
N PHE A 22 1.64 7.61 0.58
CA PHE A 22 0.41 7.08 1.16
C PHE A 22 -0.13 5.91 0.33
N GLY A 23 -1.35 5.49 0.64
CA GLY A 23 -1.95 4.38 -0.08
C GLY A 23 -3.44 4.27 0.18
N LYS A 24 -4.04 3.19 -0.30
CA LYS A 24 -5.48 2.97 -0.12
C LYS A 24 -5.78 1.49 0.09
N CYS A 25 -6.44 1.18 1.20
CA CYS A 25 -6.79 -0.20 1.53
C CYS A 25 -8.23 -0.50 1.14
N MET A 26 -8.42 -1.55 0.35
CA MET A 26 -9.74 -1.95 -0.10
C MET A 26 -9.71 -3.33 -0.75
N ASN A 27 -10.81 -4.06 -0.63
CA ASN A 27 -10.90 -5.40 -1.20
C ASN A 27 -9.73 -6.26 -0.76
N LYS A 28 -9.37 -6.15 0.53
CA LYS A 28 -8.26 -6.93 1.08
C LYS A 28 -6.98 -6.69 0.28
N LYS A 29 -6.84 -5.48 -0.25
CA LYS A 29 -5.66 -5.12 -1.03
C LYS A 29 -5.22 -3.68 -0.74
N CYS A 30 -3.92 -3.47 -0.62
CA CYS A 30 -3.38 -2.15 -0.35
C CYS A 30 -2.72 -1.56 -1.59
N ARG A 31 -3.19 -0.39 -2.01
CA ARG A 31 -2.65 0.27 -3.18
C ARG A 31 -1.67 1.38 -2.79
N CYS A 32 -0.65 1.59 -3.61
CA CYS A 32 0.36 2.60 -3.35
C CYS A 32 0.07 3.88 -4.15
N TYR A 33 0.23 5.02 -3.50
CA TYR A 33 -0.01 6.30 -4.14
C TYR A 33 0.75 7.42 -3.44
N SER A 34 1.13 8.44 -4.20
CA SER A 34 1.88 9.57 -3.66
C SER A 34 1.39 10.89 -4.27
N ILE A 1 -1.04 -8.65 -7.78
CA ILE A 1 -0.48 -9.65 -6.89
C ILE A 1 -1.26 -9.74 -5.59
N ASN A 2 -1.39 -10.94 -5.05
CA ASN A 2 -2.11 -11.15 -3.80
C ASN A 2 -1.31 -10.62 -2.60
N VAL A 3 -1.72 -9.46 -2.10
CA VAL A 3 -1.05 -8.84 -0.97
C VAL A 3 -2.05 -8.46 0.12
N LYS A 4 -1.63 -8.59 1.37
CA LYS A 4 -2.48 -8.26 2.51
C LYS A 4 -3.01 -6.83 2.40
N CYS A 5 -3.87 -6.46 3.33
CA CYS A 5 -4.46 -5.12 3.34
C CYS A 5 -4.09 -4.37 4.62
N SER A 6 -3.90 -3.06 4.50
CA SER A 6 -3.56 -2.23 5.64
C SER A 6 -3.49 -0.76 5.25
N LEU A 7 -3.52 0.12 6.25
CA LEU A 7 -3.47 1.56 6.01
C LEU A 7 -2.25 1.92 5.16
N PRO A 8 -2.30 3.10 4.53
CA PRO A 8 -1.21 3.59 3.68
C PRO A 8 0.01 3.98 4.49
N GLN A 9 -0.17 4.15 5.80
CA GLN A 9 0.93 4.52 6.69
C GLN A 9 1.83 3.33 6.96
N GLN A 10 1.28 2.13 6.80
CA GLN A 10 2.04 0.90 7.03
C GLN A 10 2.17 0.09 5.75
N CYS A 11 2.13 0.77 4.61
CA CYS A 11 2.24 0.10 3.31
C CYS A 11 3.53 0.51 2.60
N ILE A 12 4.41 1.20 3.31
CA ILE A 12 5.67 1.64 2.75
C ILE A 12 6.61 0.46 2.51
N LYS A 13 6.54 -0.53 3.40
CA LYS A 13 7.38 -1.72 3.29
C LYS A 13 7.20 -2.39 1.93
N PRO A 14 5.96 -2.80 1.64
CA PRO A 14 5.62 -3.46 0.38
C PRO A 14 5.70 -2.51 -0.82
N CYS A 15 5.90 -1.23 -0.53
CA CYS A 15 5.98 -0.22 -1.57
C CYS A 15 7.13 0.75 -1.30
N LYS A 16 8.29 0.20 -1.00
CA LYS A 16 9.47 1.01 -0.71
C LYS A 16 10.20 1.37 -2.00
N ASP A 17 10.33 0.40 -2.89
CA ASP A 17 11.01 0.61 -4.17
C ASP A 17 10.27 1.64 -5.02
N ALA A 18 9.02 1.90 -4.65
CA ALA A 18 8.20 2.86 -5.38
C ALA A 18 8.26 4.24 -4.73
N GLY A 19 8.58 4.27 -3.44
CA GLY A 19 8.68 5.52 -2.72
C GLY A 19 7.33 6.23 -2.61
N MET A 20 6.26 5.46 -2.73
CA MET A 20 4.91 6.02 -2.65
C MET A 20 4.75 6.88 -1.39
N ARG A 21 3.66 7.62 -1.32
CA ARG A 21 3.39 8.49 -0.18
C ARG A 21 2.01 8.21 0.41
N PHE A 22 1.04 7.93 -0.46
CA PHE A 22 -0.32 7.64 -0.04
C PHE A 22 -0.71 6.21 -0.38
N GLY A 23 -2.00 5.91 -0.24
CA GLY A 23 -2.48 4.58 -0.54
C GLY A 23 -3.92 4.37 -0.13
N LYS A 24 -4.44 3.17 -0.37
CA LYS A 24 -5.81 2.84 0.00
C LYS A 24 -5.97 1.34 0.21
N CYS A 25 -6.60 0.96 1.32
CA CYS A 25 -6.82 -0.44 1.64
C CYS A 25 -8.23 -0.87 1.22
N MET A 26 -8.29 -1.83 0.30
CA MET A 26 -9.57 -2.34 -0.19
C MET A 26 -9.37 -3.63 -0.98
N ASN A 27 -10.43 -4.41 -1.11
CA ASN A 27 -10.38 -5.67 -1.84
C ASN A 27 -9.31 -6.58 -1.27
N LYS A 28 -9.16 -6.58 0.05
CA LYS A 28 -8.18 -7.41 0.72
C LYS A 28 -6.78 -7.12 0.19
N LYS A 29 -6.58 -5.93 -0.35
CA LYS A 29 -5.29 -5.53 -0.89
C LYS A 29 -5.02 -4.05 -0.62
N CYS A 30 -3.74 -3.70 -0.51
CA CYS A 30 -3.36 -2.32 -0.25
C CYS A 30 -2.77 -1.67 -1.51
N ARG A 31 -3.36 -0.57 -1.93
CA ARG A 31 -2.90 0.14 -3.12
C ARG A 31 -1.97 1.28 -2.74
N CYS A 32 -0.93 1.48 -3.55
CA CYS A 32 0.04 2.54 -3.31
C CYS A 32 -0.03 3.61 -4.39
N TYR A 33 -0.12 4.87 -3.96
CA TYR A 33 -0.20 5.98 -4.90
C TYR A 33 0.36 7.25 -4.27
N SER A 34 0.94 8.11 -5.10
CA SER A 34 1.53 9.36 -4.64
C SER A 34 0.65 10.55 -5.03
N ILE A 1 1.15 -10.75 -7.48
CA ILE A 1 1.37 -11.37 -6.19
C ILE A 1 0.30 -10.97 -5.18
N ASN A 2 0.05 -11.84 -4.22
CA ASN A 2 -0.95 -11.57 -3.19
C ASN A 2 -0.47 -10.50 -2.21
N VAL A 3 -0.98 -9.29 -2.36
CA VAL A 3 -0.60 -8.19 -1.49
C VAL A 3 -1.64 -7.97 -0.38
N LYS A 4 -1.19 -8.06 0.86
CA LYS A 4 -2.07 -7.87 2.00
C LYS A 4 -2.70 -6.48 1.98
N CYS A 5 -3.59 -6.22 2.94
CA CYS A 5 -4.26 -4.94 3.02
C CYS A 5 -3.98 -4.26 4.36
N SER A 6 -3.88 -2.94 4.34
CA SER A 6 -3.59 -2.17 5.55
C SER A 6 -3.60 -0.67 5.26
N LEU A 7 -3.70 0.12 6.31
CA LEU A 7 -3.72 1.58 6.17
C LEU A 7 -2.51 2.06 5.38
N PRO A 8 -2.61 3.28 4.82
CA PRO A 8 -1.53 3.88 4.03
C PRO A 8 -0.33 4.27 4.89
N GLN A 9 -0.54 4.31 6.21
CA GLN A 9 0.53 4.66 7.13
C GLN A 9 1.51 3.50 7.31
N GLN A 10 1.01 2.28 7.09
CA GLN A 10 1.84 1.09 7.23
C GLN A 10 1.95 0.35 5.91
N CYS A 11 1.74 1.06 4.81
CA CYS A 11 1.81 0.47 3.48
C CYS A 11 3.12 0.84 2.79
N ILE A 12 4.01 1.50 3.52
CA ILE A 12 5.30 1.91 2.99
C ILE A 12 6.20 0.70 2.76
N LYS A 13 6.09 -0.29 3.64
CA LYS A 13 6.90 -1.50 3.53
C LYS A 13 6.71 -2.17 2.17
N PRO A 14 5.45 -2.55 1.87
CA PRO A 14 5.11 -3.20 0.61
C PRO A 14 5.21 -2.24 -0.58
N CYS A 15 5.43 -0.97 -0.29
CA CYS A 15 5.55 0.04 -1.34
C CYS A 15 6.75 0.96 -1.08
N LYS A 16 7.89 0.34 -0.75
CA LYS A 16 9.10 1.09 -0.48
C LYS A 16 9.83 1.45 -1.78
N ASP A 17 9.82 0.51 -2.73
CA ASP A 17 10.48 0.72 -4.01
C ASP A 17 9.74 1.78 -4.82
N ALA A 18 8.45 1.95 -4.54
CA ALA A 18 7.63 2.94 -5.24
C ALA A 18 7.69 4.29 -4.56
N GLY A 19 8.02 4.29 -3.27
CA GLY A 19 8.10 5.53 -2.51
C GLY A 19 6.75 6.16 -2.28
N MET A 20 5.69 5.34 -2.35
CA MET A 20 4.34 5.83 -2.15
C MET A 20 4.23 6.62 -0.85
N ARG A 21 3.35 7.62 -0.83
CA ARG A 21 3.15 8.45 0.35
C ARG A 21 1.80 8.16 0.99
N PHE A 22 0.78 7.99 0.16
CA PHE A 22 -0.56 7.71 0.65
C PHE A 22 -1.31 6.76 -0.29
N GLY A 23 -1.54 5.54 0.17
CA GLY A 23 -2.23 4.57 -0.64
C GLY A 23 -3.67 4.35 -0.20
N LYS A 24 -4.27 3.25 -0.64
CA LYS A 24 -5.65 2.93 -0.29
C LYS A 24 -5.83 1.43 -0.13
N CYS A 25 -6.43 1.02 0.98
CA CYS A 25 -6.67 -0.39 1.25
C CYS A 25 -8.04 -0.82 0.73
N MET A 26 -8.04 -1.80 -0.18
CA MET A 26 -9.29 -2.30 -0.76
C MET A 26 -9.06 -3.65 -1.42
N ASN A 27 -10.12 -4.46 -1.48
CA ASN A 27 -10.03 -5.78 -2.10
C ASN A 27 -8.89 -6.59 -1.51
N LYS A 28 -8.74 -6.52 -0.18
CA LYS A 28 -7.68 -7.23 0.51
C LYS A 28 -6.32 -6.92 -0.10
N LYS A 29 -6.20 -5.72 -0.66
CA LYS A 29 -4.94 -5.30 -1.27
C LYS A 29 -4.71 -3.81 -1.03
N CYS A 30 -3.44 -3.41 -1.02
CA CYS A 30 -3.07 -2.02 -0.81
C CYS A 30 -2.61 -1.36 -2.11
N ARG A 31 -3.28 -0.29 -2.48
CA ARG A 31 -2.94 0.43 -3.71
C ARG A 31 -1.99 1.59 -3.42
N CYS A 32 -1.02 1.79 -4.29
CA CYS A 32 -0.05 2.86 -4.13
C CYS A 32 -0.41 4.07 -4.99
N TYR A 33 -0.38 5.25 -4.40
CA TYR A 33 -0.70 6.48 -5.12
C TYR A 33 0.48 7.45 -5.10
N SER A 34 0.58 8.27 -6.14
CA SER A 34 1.65 9.25 -6.25
C SER A 34 1.10 10.63 -6.58
N ILE A 1 -0.59 -8.89 -7.46
CA ILE A 1 0.03 -9.75 -6.46
C ILE A 1 -0.78 -9.77 -5.17
N ASN A 2 -0.89 -10.95 -4.57
CA ASN A 2 -1.64 -11.11 -3.33
C ASN A 2 -0.89 -10.49 -2.15
N VAL A 3 -1.35 -9.31 -1.73
CA VAL A 3 -0.72 -8.60 -0.61
C VAL A 3 -1.74 -8.21 0.44
N LYS A 4 -1.34 -8.27 1.71
CA LYS A 4 -2.22 -7.92 2.81
C LYS A 4 -2.79 -6.51 2.63
N CYS A 5 -3.68 -6.12 3.53
CA CYS A 5 -4.29 -4.80 3.48
C CYS A 5 -4.01 -4.01 4.76
N SER A 6 -3.85 -2.70 4.61
CA SER A 6 -3.57 -1.83 5.74
C SER A 6 -3.64 -0.36 5.33
N LEU A 7 -3.76 0.52 6.33
CA LEU A 7 -3.85 1.95 6.07
C LEU A 7 -2.65 2.42 5.25
N PRO A 8 -2.81 3.58 4.59
CA PRO A 8 -1.76 4.17 3.76
C PRO A 8 -0.58 4.68 4.57
N GLN A 9 -0.80 4.83 5.88
CA GLN A 9 0.24 5.31 6.77
C GLN A 9 1.27 4.21 7.06
N GLN A 10 0.82 2.97 6.98
CA GLN A 10 1.70 1.83 7.23
C GLN A 10 1.84 0.96 5.98
N CYS A 11 1.59 1.56 4.82
CA CYS A 11 1.69 0.84 3.56
C CYS A 11 2.96 1.22 2.80
N ILE A 12 3.86 1.91 3.49
CA ILE A 12 5.12 2.34 2.89
C ILE A 12 6.04 1.15 2.65
N LYS A 13 5.98 0.17 3.56
CA LYS A 13 6.81 -1.03 3.44
C LYS A 13 6.58 -1.72 2.10
N PRO A 14 5.33 -2.13 1.85
CA PRO A 14 4.94 -2.81 0.61
C PRO A 14 4.98 -1.88 -0.59
N CYS A 15 5.16 -0.59 -0.33
CA CYS A 15 5.22 0.41 -1.40
C CYS A 15 6.63 0.97 -1.54
N LYS A 16 7.63 0.15 -1.25
CA LYS A 16 9.02 0.56 -1.36
C LYS A 16 9.46 0.62 -2.81
N ASP A 17 9.13 -0.41 -3.57
CA ASP A 17 9.50 -0.48 -4.98
C ASP A 17 8.92 0.70 -5.75
N ALA A 18 7.81 1.24 -5.24
CA ALA A 18 7.15 2.37 -5.87
C ALA A 18 7.69 3.69 -5.35
N GLY A 19 8.26 3.65 -4.14
CA GLY A 19 8.81 4.86 -3.54
C GLY A 19 7.73 5.88 -3.22
N MET A 20 6.49 5.42 -3.07
CA MET A 20 5.38 6.31 -2.75
C MET A 20 5.09 6.30 -1.25
N ARG A 21 4.21 7.20 -0.82
CA ARG A 21 3.84 7.29 0.58
C ARG A 21 2.37 6.96 0.79
N PHE A 22 1.50 7.83 0.27
CA PHE A 22 0.05 7.63 0.39
C PHE A 22 -0.36 6.28 -0.18
N GLY A 23 -1.65 5.99 -0.10
CA GLY A 23 -2.16 4.72 -0.62
C GLY A 23 -3.60 4.47 -0.23
N LYS A 24 -4.09 3.27 -0.53
CA LYS A 24 -5.46 2.90 -0.20
C LYS A 24 -5.56 1.42 0.15
N CYS A 25 -6.58 1.07 0.93
CA CYS A 25 -6.79 -0.31 1.34
C CYS A 25 -8.16 -0.81 0.89
N MET A 26 -8.17 -1.87 0.08
CA MET A 26 -9.41 -2.44 -0.42
C MET A 26 -9.16 -3.78 -1.11
N ASN A 27 -10.21 -4.58 -1.24
CA ASN A 27 -10.10 -5.89 -1.88
C ASN A 27 -8.99 -6.71 -1.24
N LYS A 28 -8.86 -6.60 0.08
CA LYS A 28 -7.84 -7.33 0.81
C LYS A 28 -6.45 -7.07 0.24
N LYS A 29 -6.29 -5.91 -0.39
CA LYS A 29 -5.01 -5.54 -0.98
C LYS A 29 -4.70 -4.07 -0.73
N CYS A 30 -3.41 -3.74 -0.66
CA CYS A 30 -2.98 -2.37 -0.41
C CYS A 30 -2.43 -1.74 -1.69
N ARG A 31 -2.81 -0.48 -1.92
CA ARG A 31 -2.35 0.24 -3.11
C ARG A 31 -1.50 1.45 -2.73
N CYS A 32 -0.52 1.77 -3.56
CA CYS A 32 0.35 2.91 -3.31
C CYS A 32 -0.21 4.18 -3.93
N TYR A 33 0.33 5.33 -3.54
CA TYR A 33 -0.11 6.61 -4.05
C TYR A 33 0.90 7.71 -3.74
N SER A 34 1.12 8.60 -4.70
CA SER A 34 2.06 9.69 -4.54
C SER A 34 1.51 10.75 -3.60
N ILE A 1 -1.01 -8.29 -7.89
CA ILE A 1 -0.46 -9.27 -6.97
C ILE A 1 -1.29 -9.35 -5.69
N ASN A 2 -1.52 -10.56 -5.22
CA ASN A 2 -2.29 -10.78 -4.00
C ASN A 2 -1.50 -10.36 -2.77
N VAL A 3 -1.83 -9.20 -2.22
CA VAL A 3 -1.14 -8.68 -1.03
C VAL A 3 -2.14 -8.26 0.04
N LYS A 4 -1.77 -8.49 1.30
CA LYS A 4 -2.64 -8.13 2.42
C LYS A 4 -3.04 -6.66 2.35
N CYS A 5 -3.89 -6.24 3.28
CA CYS A 5 -4.35 -4.86 3.34
C CYS A 5 -3.99 -4.22 4.67
N SER A 6 -3.67 -2.93 4.63
CA SER A 6 -3.30 -2.18 5.83
C SER A 6 -3.31 -0.68 5.57
N LEU A 7 -3.34 0.09 6.64
CA LEU A 7 -3.35 1.55 6.53
C LEU A 7 -2.18 2.04 5.68
N PRO A 8 -2.31 3.26 5.16
CA PRO A 8 -1.27 3.87 4.32
C PRO A 8 -0.02 4.24 5.11
N GLN A 9 -0.15 4.27 6.43
CA GLN A 9 0.97 4.59 7.31
C GLN A 9 1.94 3.42 7.42
N GLN A 10 1.45 2.23 7.12
CA GLN A 10 2.28 1.02 7.18
C GLN A 10 2.40 0.37 5.81
N CYS A 11 1.81 1.01 4.80
CA CYS A 11 1.86 0.48 3.45
C CYS A 11 3.13 0.91 2.74
N ILE A 12 4.01 1.59 3.46
CA ILE A 12 5.28 2.05 2.91
C ILE A 12 6.22 0.88 2.65
N LYS A 13 6.16 -0.12 3.51
CA LYS A 13 7.00 -1.30 3.37
C LYS A 13 6.80 -1.95 2.00
N PRO A 14 5.56 -2.38 1.72
CA PRO A 14 5.21 -3.02 0.46
C PRO A 14 5.25 -2.05 -0.72
N CYS A 15 5.43 -0.77 -0.42
CA CYS A 15 5.50 0.26 -1.44
C CYS A 15 6.65 1.22 -1.19
N LYS A 16 7.82 0.66 -0.90
CA LYS A 16 9.01 1.47 -0.64
C LYS A 16 9.69 1.87 -1.94
N ASP A 17 9.94 0.90 -2.80
CA ASP A 17 10.58 1.14 -4.08
C ASP A 17 9.68 1.97 -5.00
N ALA A 18 8.38 1.97 -4.70
CA ALA A 18 7.40 2.71 -5.49
C ALA A 18 7.50 4.20 -5.21
N GLY A 19 8.06 4.54 -4.06
CA GLY A 19 8.21 5.95 -3.69
C GLY A 19 6.87 6.60 -3.38
N MET A 20 5.89 5.79 -3.01
CA MET A 20 4.55 6.29 -2.69
C MET A 20 4.63 7.37 -1.62
N ARG A 21 3.50 8.01 -1.34
CA ARG A 21 3.45 9.07 -0.34
C ARG A 21 2.41 8.74 0.74
N PHE A 22 1.32 8.10 0.34
CA PHE A 22 0.26 7.73 1.26
C PHE A 22 -0.13 6.27 1.08
N GLY A 23 -0.88 5.99 0.03
CA GLY A 23 -1.31 4.63 -0.24
C GLY A 23 -2.79 4.44 0.02
N LYS A 24 -3.34 3.32 -0.46
CA LYS A 24 -4.75 3.01 -0.27
C LYS A 24 -4.94 1.55 0.13
N CYS A 25 -6.05 1.28 0.81
CA CYS A 25 -6.36 -0.08 1.25
C CYS A 25 -7.81 -0.44 0.94
N MET A 26 -8.00 -1.44 0.09
CA MET A 26 -9.33 -1.88 -0.28
C MET A 26 -9.29 -3.26 -0.92
N ASN A 27 -10.42 -3.96 -0.89
CA ASN A 27 -10.51 -5.30 -1.46
C ASN A 27 -9.41 -6.20 -0.91
N LYS A 28 -9.10 -6.04 0.37
CA LYS A 28 -8.07 -6.84 1.02
C LYS A 28 -6.73 -6.68 0.30
N LYS A 29 -6.50 -5.51 -0.27
CA LYS A 29 -5.26 -5.24 -0.99
C LYS A 29 -4.84 -3.78 -0.81
N CYS A 30 -3.52 -3.55 -0.78
CA CYS A 30 -2.99 -2.20 -0.62
C CYS A 30 -2.42 -1.68 -1.93
N ARG A 31 -2.83 -0.46 -2.30
CA ARG A 31 -2.37 0.15 -3.54
C ARG A 31 -1.32 1.22 -3.25
N CYS A 32 -0.31 1.29 -4.10
CA CYS A 32 0.77 2.27 -3.94
C CYS A 32 0.45 3.55 -4.72
N TYR A 33 0.57 4.68 -4.03
CA TYR A 33 0.30 5.98 -4.66
C TYR A 33 1.27 7.03 -4.16
N SER A 34 1.96 7.68 -5.09
CA SER A 34 2.93 8.71 -4.73
C SER A 34 2.29 10.10 -4.79
#